data_4WNL
#
_entry.id   4WNL
#
_cell.length_a   175.620
_cell.length_b   64.670
_cell.length_c   116.370
_cell.angle_alpha   90.00
_cell.angle_beta   117.94
_cell.angle_gamma   90.00
#
_symmetry.space_group_name_H-M   'C 1 2 1'
#
loop_
_entity.id
_entity.type
_entity.pdbx_description
1 polymer 'SWI5-dependent HO expression protein 2'
2 polymer 'SWI5-dependent HO expression protein 3'
3 non-polymer GLYCEROL
4 non-polymer 'SULFATE ION'
5 non-polymer 'ISOPROPYL ALCOHOL'
#
loop_
_entity_poly.entity_id
_entity_poly.type
_entity_poly.pdbx_seq_one_letter_code
_entity_poly.pdbx_strand_id
1 'polypeptide(L)'
;DIKVTPGTSELVEQILALLSRYLSSYIHVLNKFISHLRRVATLRFERTTLIKFVKKLRFYNDSVLSYNASEFINEGKNEL
DPGADSFDKVILPIASMFVKCVETFDLLNYYLTQSLQKEILSKTLNEDLTLTAESILAIDDTYNHFVKFSQWMIESLRIG
SNLLDLEVVQFAIKSADEDGTNIGETDNIFLQEILPVNSEEEFQTLSAAWHSILDGKLGALDEEFDVVATKWHD
;
C,A,B,D
2 'polypeptide(L)' RSFYTASPLLSSGSIPKSASPVLPGVKRTASVR E,F,G,H
#
loop_
_chem_comp.id
_chem_comp.type
_chem_comp.name
_chem_comp.formula
GOL non-polymer GLYCEROL 'C3 H8 O3'
IPA non-polymer 'ISOPROPYL ALCOHOL' 'C3 H8 O'
SO4 non-polymer 'SULFATE ION' 'O4 S -2'
#
# COMPACT_ATOMS: atom_id res chain seq x y z
N ASP A 1 22.51 -23.69 31.93
CA ASP A 1 21.48 -23.00 31.17
C ASP A 1 20.63 -23.97 30.38
N ILE A 2 19.67 -23.44 29.63
CA ILE A 2 18.77 -24.27 28.83
C ILE A 2 19.15 -24.24 27.36
N LYS A 3 19.31 -25.41 26.76
CA LYS A 3 19.61 -25.53 25.34
C LYS A 3 18.35 -25.85 24.54
N VAL A 4 18.38 -25.55 23.26
CA VAL A 4 17.20 -25.69 22.41
C VAL A 4 16.85 -27.16 22.12
N THR A 5 15.57 -27.40 21.89
CA THR A 5 15.07 -28.72 21.51
C THR A 5 14.69 -28.70 20.03
N PRO A 6 14.51 -29.87 19.40
CA PRO A 6 14.14 -29.90 17.98
C PRO A 6 12.83 -29.16 17.65
N GLY A 7 11.92 -29.06 18.61
CA GLY A 7 10.64 -28.41 18.39
C GLY A 7 10.66 -26.92 18.64
N THR A 8 11.84 -26.36 18.83
CA THR A 8 12.01 -24.95 19.13
C THR A 8 11.51 -24.06 17.99
N SER A 9 11.82 -24.45 16.76
CA SER A 9 11.45 -23.67 15.58
C SER A 9 9.94 -23.51 15.46
N GLU A 10 9.21 -24.60 15.74
CA GLU A 10 7.76 -24.58 15.66
C GLU A 10 7.16 -23.72 16.78
N LEU A 11 7.71 -23.84 17.98
CA LEU A 11 7.26 -23.07 19.14
C LEU A 11 7.31 -21.57 18.85
N VAL A 12 8.41 -21.13 18.24
CA VAL A 12 8.59 -19.73 17.88
C VAL A 12 7.54 -19.29 16.87
N GLU A 13 7.28 -20.15 15.88
CA GLU A 13 6.29 -19.85 14.85
C GLU A 13 4.89 -19.71 15.43
N GLN A 14 4.59 -20.51 16.45
CA GLN A 14 3.29 -20.46 17.10
C GLN A 14 3.09 -19.16 17.87
N ILE A 15 4.12 -18.76 18.61
CA ILE A 15 4.08 -17.54 19.41
C ILE A 15 3.93 -16.30 18.53
N LEU A 16 4.65 -16.29 17.41
CA LEU A 16 4.56 -15.18 16.46
C LEU A 16 3.21 -15.14 15.77
N ALA A 17 2.61 -16.32 15.58
CA ALA A 17 1.29 -16.42 14.98
C ALA A 17 0.24 -15.75 15.86
N LEU A 18 0.45 -15.81 17.17
CA LEU A 18 -0.41 -15.12 18.12
C LEU A 18 -0.43 -13.62 17.85
N LEU A 19 0.76 -13.06 17.69
CA LEU A 19 0.92 -11.63 17.43
C LEU A 19 0.34 -11.25 16.07
N SER A 20 0.48 -12.16 15.10
CA SER A 20 -0.02 -11.91 13.76
C SER A 20 -1.54 -11.78 13.74
N ARG A 21 -2.22 -12.62 14.52
CA ARG A 21 -3.67 -12.54 14.61
C ARG A 21 -4.09 -11.28 15.37
N TYR A 22 -3.25 -10.88 16.32
CA TYR A 22 -3.48 -9.65 17.09
C TYR A 22 -3.43 -8.44 16.16
N LEU A 23 -2.38 -8.37 15.35
CA LEU A 23 -2.19 -7.27 14.41
C LEU A 23 -3.26 -7.26 13.32
N SER A 24 -3.50 -8.43 12.73
CA SER A 24 -4.44 -8.56 11.62
C SER A 24 -5.86 -8.17 12.03
N SER A 25 -6.22 -8.49 13.27
CA SER A 25 -7.55 -8.16 13.78
C SER A 25 -7.74 -6.64 13.82
N TYR A 26 -6.67 -5.93 14.17
CA TYR A 26 -6.69 -4.48 14.18
C TYR A 26 -6.70 -3.91 12.75
N ILE A 27 -5.82 -4.46 11.90
CA ILE A 27 -5.73 -4.02 10.51
C ILE A 27 -7.07 -4.19 9.80
N HIS A 28 -7.78 -5.26 10.12
CA HIS A 28 -9.07 -5.55 9.51
C HIS A 28 -10.13 -4.52 9.90
N VAL A 29 -10.25 -4.27 11.21
CA VAL A 29 -11.29 -3.38 11.72
C VAL A 29 -10.98 -1.91 11.45
N LEU A 30 -9.69 -1.58 11.38
CA LEU A 30 -9.28 -0.20 11.14
C LEU A 30 -9.40 0.19 9.67
N ASN A 31 -9.12 -0.76 8.78
CA ASN A 31 -9.29 -0.53 7.35
C ASN A 31 -10.75 -0.24 7.00
N LYS A 32 -11.65 -0.86 7.75
CA LYS A 32 -13.07 -0.59 7.61
C LYS A 32 -13.38 0.81 8.10
N PHE A 33 -12.83 1.16 9.26
CA PHE A 33 -13.06 2.46 9.87
C PHE A 33 -12.46 3.59 9.06
N ILE A 34 -11.22 3.39 8.60
CA ILE A 34 -10.54 4.36 7.74
C ILE A 34 -11.33 4.62 6.47
N SER A 35 -11.86 3.55 5.89
CA SER A 35 -12.64 3.65 4.65
C SER A 35 -13.96 4.40 4.87
N HIS A 36 -14.43 4.42 6.11
N HIS A 36 -14.45 4.37 6.11
CA HIS A 36 -15.69 5.07 6.41
CA HIS A 36 -15.70 5.03 6.47
C HIS A 36 -15.50 6.55 6.74
C HIS A 36 -15.48 6.53 6.70
N LEU A 37 -14.34 6.88 7.30
CA LEU A 37 -14.03 8.27 7.63
C LEU A 37 -13.78 9.13 6.39
N ARG A 38 -13.67 8.48 5.24
CA ARG A 38 -13.41 9.18 3.98
C ARG A 38 -14.59 10.05 3.56
N ARG A 39 -15.79 9.67 4.00
CA ARG A 39 -17.00 10.42 3.66
C ARG A 39 -17.28 11.52 4.68
N VAL A 40 -16.61 11.45 5.82
CA VAL A 40 -16.74 12.47 6.85
C VAL A 40 -15.57 13.45 6.78
N ALA A 41 -15.82 14.60 6.16
CA ALA A 41 -14.76 15.58 5.89
C ALA A 41 -14.17 16.20 7.15
N THR A 42 -14.97 16.26 8.21
CA THR A 42 -14.52 16.88 9.46
C THR A 42 -13.48 16.02 10.19
N LEU A 43 -13.40 14.74 9.82
CA LEU A 43 -12.44 13.83 10.43
C LEU A 43 -11.36 13.45 9.43
N ARG A 44 -11.07 14.37 8.52
CA ARG A 44 -10.12 14.16 7.44
C ARG A 44 -8.70 13.88 7.92
N PHE A 45 -8.28 14.54 8.99
CA PHE A 45 -6.91 14.42 9.48
C PHE A 45 -6.77 13.33 10.55
N GLU A 46 -7.85 13.05 11.26
CA GLU A 46 -7.86 11.94 12.21
C GLU A 46 -7.79 10.63 11.44
N ARG A 47 -8.30 10.65 10.22
CA ARG A 47 -8.26 9.49 9.33
C ARG A 47 -6.83 9.15 8.94
N THR A 48 -6.07 10.18 8.56
CA THR A 48 -4.68 10.01 8.16
C THR A 48 -3.80 9.52 9.30
N THR A 49 -4.16 9.90 10.53
CA THR A 49 -3.43 9.46 11.71
C THR A 49 -3.58 7.95 11.89
N LEU A 50 -4.80 7.46 11.71
CA LEU A 50 -5.09 6.03 11.82
C LEU A 50 -4.41 5.25 10.71
N ILE A 51 -4.33 5.85 9.53
CA ILE A 51 -3.65 5.23 8.39
C ILE A 51 -2.18 4.98 8.71
N LYS A 52 -1.55 5.97 9.35
CA LYS A 52 -0.15 5.85 9.76
C LYS A 52 0.02 4.70 10.75
N PHE A 53 -0.95 4.52 11.63
CA PHE A 53 -0.92 3.45 12.62
C PHE A 53 -1.08 2.07 11.97
N VAL A 54 -1.99 1.99 10.99
CA VAL A 54 -2.26 0.73 10.30
C VAL A 54 -1.04 0.26 9.51
N LYS A 55 -0.39 1.19 8.80
CA LYS A 55 0.81 0.88 8.05
C LYS A 55 1.91 0.30 8.96
N LYS A 56 1.99 0.83 10.17
CA LYS A 56 2.94 0.33 11.15
C LYS A 56 2.57 -1.09 11.58
N LEU A 57 1.28 -1.33 11.74
CA LEU A 57 0.79 -2.65 12.10
C LEU A 57 0.95 -3.63 10.95
N ARG A 58 0.74 -3.14 9.73
CA ARG A 58 0.94 -3.95 8.54
C ARG A 58 2.38 -4.43 8.46
N PHE A 59 3.31 -3.49 8.61
CA PHE A 59 4.73 -3.80 8.57
C PHE A 59 5.11 -4.78 9.69
N TYR A 60 4.57 -4.53 10.88
CA TYR A 60 4.79 -5.44 12.01
C TYR A 60 4.26 -6.83 11.68
N ASN A 61 3.21 -6.89 10.87
CA ASN A 61 2.56 -8.16 10.55
C ASN A 61 3.26 -8.95 9.47
N ASP A 62 3.62 -8.28 8.37
CA ASP A 62 4.28 -8.96 7.25
C ASP A 62 5.76 -9.20 7.54
N SER A 63 6.22 -8.71 8.68
CA SER A 63 7.56 -9.02 9.18
C SER A 63 7.48 -10.29 10.00
N VAL A 64 6.41 -10.42 10.76
CA VAL A 64 6.15 -11.62 11.55
C VAL A 64 5.89 -12.81 10.63
N LEU A 65 5.10 -12.59 9.59
CA LEU A 65 4.74 -13.66 8.65
C LEU A 65 5.91 -14.08 7.77
N SER A 66 6.91 -13.21 7.65
CA SER A 66 8.06 -13.49 6.78
C SER A 66 9.22 -14.14 7.54
N TYR A 67 9.22 -13.96 8.86
CA TYR A 67 10.28 -14.48 9.71
C TYR A 67 10.30 -16.01 9.73
N ASN A 68 11.42 -16.59 9.33
CA ASN A 68 11.60 -18.03 9.38
C ASN A 68 12.45 -18.41 10.58
N ALA A 69 11.81 -19.00 11.59
CA ALA A 69 12.47 -19.30 12.86
C ALA A 69 13.62 -20.30 12.72
N SER A 70 13.46 -21.25 11.81
CA SER A 70 14.48 -22.30 11.62
C SER A 70 15.76 -21.74 11.02
N GLU A 71 15.71 -20.50 10.56
CA GLU A 71 16.86 -19.86 9.93
C GLU A 71 17.82 -19.28 10.97
N PHE A 72 17.27 -18.92 12.13
CA PHE A 72 18.05 -18.27 13.17
C PHE A 72 18.18 -19.13 14.42
N ILE A 73 18.02 -20.44 14.25
CA ILE A 73 18.14 -21.38 15.36
C ILE A 73 19.06 -22.55 15.00
N ASN A 74 20.21 -22.61 15.66
CA ASN A 74 21.17 -23.68 15.45
C ASN A 74 20.97 -24.78 16.48
N GLU A 75 20.67 -25.99 16.01
CA GLU A 75 20.37 -27.10 16.92
C GLU A 75 21.59 -27.95 17.24
N GLY A 76 22.14 -28.61 16.23
CA GLY A 76 23.24 -29.53 16.44
C GLY A 76 22.76 -30.78 17.16
N LYS A 77 23.53 -31.21 18.16
CA LYS A 77 23.13 -32.35 18.97
C LYS A 77 22.70 -31.90 20.34
N ASN A 78 21.52 -32.37 20.75
CA ASN A 78 20.83 -32.01 22.00
C ASN A 78 21.71 -31.43 23.10
N PRO A 82 27.80 -29.14 21.24
CA PRO A 82 26.70 -28.36 21.82
C PRO A 82 27.18 -27.30 22.82
N GLY A 83 27.63 -26.16 22.32
CA GLY A 83 27.71 -25.88 20.90
C GLY A 83 26.45 -25.29 20.30
N ALA A 84 25.31 -25.61 20.90
CA ALA A 84 24.03 -25.17 20.38
C ALA A 84 23.64 -23.78 20.89
N ASP A 85 22.58 -23.23 20.32
CA ASP A 85 22.04 -21.96 20.78
C ASP A 85 21.34 -22.15 22.12
N SER A 86 21.62 -21.25 23.06
CA SER A 86 20.89 -21.24 24.32
C SER A 86 19.43 -20.90 24.02
N PHE A 87 18.52 -21.44 24.81
CA PHE A 87 17.10 -21.28 24.53
C PHE A 87 16.64 -19.82 24.66
N ASP A 88 17.22 -19.10 25.60
CA ASP A 88 16.83 -17.71 25.83
C ASP A 88 17.40 -16.80 24.75
N LYS A 89 18.33 -17.31 23.95
CA LYS A 89 18.88 -16.56 22.83
C LYS A 89 17.85 -16.43 21.71
N VAL A 90 17.08 -17.48 21.49
CA VAL A 90 16.12 -17.50 20.38
C VAL A 90 14.81 -16.83 20.77
N ILE A 91 14.59 -16.66 22.08
CA ILE A 91 13.36 -16.06 22.59
C ILE A 91 13.52 -14.55 22.73
N LEU A 92 14.74 -14.11 22.97
CA LEU A 92 15.04 -12.68 23.15
C LEU A 92 14.52 -11.78 22.03
N PRO A 93 14.78 -12.11 20.75
CA PRO A 93 14.24 -11.20 19.73
C PRO A 93 12.74 -11.36 19.52
N ILE A 94 12.17 -12.47 20.01
CA ILE A 94 10.73 -12.69 19.91
C ILE A 94 10.00 -11.82 20.92
N ALA A 95 10.44 -11.88 22.17
CA ALA A 95 9.88 -11.05 23.23
C ALA A 95 10.14 -9.57 22.94
N SER A 96 11.29 -9.30 22.34
CA SER A 96 11.63 -7.94 21.92
C SER A 96 10.63 -7.42 20.90
N MET A 97 10.21 -8.30 20.00
CA MET A 97 9.22 -7.95 18.98
C MET A 97 7.87 -7.67 19.63
N PHE A 98 7.49 -8.52 20.58
CA PHE A 98 6.23 -8.35 21.30
C PHE A 98 6.17 -7.03 22.05
N VAL A 99 7.26 -6.70 22.74
CA VAL A 99 7.35 -5.44 23.49
C VAL A 99 7.13 -4.23 22.57
N LYS A 100 7.82 -4.22 21.44
CA LYS A 100 7.70 -3.13 20.47
C LYS A 100 6.28 -3.00 19.94
N CYS A 101 5.63 -4.14 19.71
CA CYS A 101 4.26 -4.15 19.20
C CYS A 101 3.26 -3.77 20.30
N VAL A 102 3.50 -4.27 21.50
CA VAL A 102 2.63 -3.99 22.64
C VAL A 102 2.60 -2.49 22.96
N GLU A 103 3.78 -1.88 23.03
CA GLU A 103 3.89 -0.46 23.31
C GLU A 103 3.28 0.37 22.19
N THR A 104 3.37 -0.14 20.97
CA THR A 104 2.74 0.50 19.83
C THR A 104 1.22 0.43 19.96
N PHE A 105 0.73 -0.71 20.44
CA PHE A 105 -0.70 -0.88 20.71
C PHE A 105 -1.16 0.08 21.79
N ASP A 106 -0.34 0.23 22.83
CA ASP A 106 -0.64 1.15 23.93
C ASP A 106 -0.84 2.56 23.41
N LEU A 107 -0.04 2.94 22.42
CA LEU A 107 -0.17 4.24 21.78
C LEU A 107 -1.44 4.32 20.95
N LEU A 108 -1.66 3.30 20.12
CA LEU A 108 -2.83 3.24 19.26
C LEU A 108 -4.12 3.15 20.07
N ASN A 109 -4.10 2.33 21.11
CA ASN A 109 -5.28 2.12 21.93
C ASN A 109 -5.76 3.42 22.59
N TYR A 110 -4.83 4.20 23.14
CA TYR A 110 -5.19 5.45 23.80
C TYR A 110 -5.83 6.43 22.81
N TYR A 111 -5.16 6.66 21.69
CA TYR A 111 -5.66 7.57 20.68
C TYR A 111 -7.03 7.14 20.17
N LEU A 112 -7.16 5.85 19.86
CA LEU A 112 -8.38 5.32 19.28
C LEU A 112 -9.54 5.25 20.28
N THR A 113 -9.26 4.89 21.52
CA THR A 113 -10.32 4.63 22.49
C THR A 113 -10.61 5.81 23.41
N GLN A 114 -9.69 6.77 23.47
CA GLN A 114 -9.89 7.97 24.30
C GLN A 114 -9.96 9.24 23.46
N SER A 115 -8.83 9.64 22.89
CA SER A 115 -8.73 10.90 22.17
C SER A 115 -9.68 11.00 20.98
N LEU A 116 -9.60 10.03 20.07
CA LEU A 116 -10.43 10.03 18.86
C LEU A 116 -11.91 9.98 19.20
N GLN A 117 -12.26 9.21 20.23
CA GLN A 117 -13.64 9.09 20.67
C GLN A 117 -14.21 10.44 21.09
N LYS A 118 -13.46 11.17 21.90
CA LYS A 118 -13.89 12.48 22.37
C LYS A 118 -13.91 13.51 21.24
N GLU A 119 -13.03 13.33 20.27
CA GLU A 119 -12.97 14.24 19.12
C GLU A 119 -14.11 14.02 18.14
N ILE A 120 -14.57 12.77 18.05
CA ILE A 120 -15.69 12.43 17.18
C ILE A 120 -16.99 13.04 17.69
N LEU A 121 -17.22 12.90 18.99
CA LEU A 121 -18.41 13.45 19.62
C LEU A 121 -18.45 14.97 19.51
N SER A 122 -17.28 15.59 19.55
CA SER A 122 -17.18 17.04 19.49
C SER A 122 -17.42 17.57 18.07
N LYS A 123 -17.03 16.78 17.07
CA LYS A 123 -17.13 17.21 15.68
C LYS A 123 -18.41 16.76 15.00
N THR A 124 -18.85 15.54 15.28
CA THR A 124 -20.01 14.96 14.60
C THR A 124 -21.30 15.14 15.38
N LEU A 125 -21.17 15.45 16.67
CA LEU A 125 -22.31 15.70 17.56
C LEU A 125 -23.24 14.49 17.71
N ASN A 126 -22.80 13.32 17.25
CA ASN A 126 -23.55 12.08 17.41
C ASN A 126 -22.63 10.90 17.67
N GLU A 127 -23.19 9.71 17.74
CA GLU A 127 -22.41 8.51 18.08
C GLU A 127 -22.49 7.43 17.01
N ASP A 128 -22.56 7.85 15.75
CA ASP A 128 -22.60 6.89 14.65
C ASP A 128 -21.26 6.18 14.46
N LEU A 129 -20.17 6.93 14.60
CA LEU A 129 -18.84 6.41 14.30
C LEU A 129 -17.96 6.22 15.53
N THR A 130 -18.58 5.96 16.67
CA THR A 130 -17.82 5.73 17.89
C THR A 130 -17.74 4.25 18.22
N LEU A 131 -16.79 3.89 19.07
CA LEU A 131 -16.65 2.50 19.51
C LEU A 131 -17.66 2.17 20.59
N THR A 132 -18.14 0.92 20.59
CA THR A 132 -19.04 0.47 21.64
C THR A 132 -18.26 0.32 22.94
N ALA A 133 -18.94 0.40 24.07
CA ALA A 133 -18.31 0.20 25.37
C ALA A 133 -17.84 -1.24 25.49
N GLU A 134 -18.51 -2.14 24.74
CA GLU A 134 -18.16 -3.54 24.72
C GLU A 134 -16.80 -3.77 24.06
N SER A 135 -16.54 -3.03 22.98
CA SER A 135 -15.31 -3.19 22.22
C SER A 135 -14.11 -2.65 22.99
N ILE A 136 -14.29 -1.52 23.66
CA ILE A 136 -13.22 -0.90 24.43
C ILE A 136 -12.68 -1.83 25.51
N LEU A 137 -13.59 -2.55 26.17
CA LEU A 137 -13.21 -3.53 27.18
C LEU A 137 -12.43 -4.68 26.56
N ALA A 138 -12.81 -5.06 25.34
CA ALA A 138 -12.11 -6.11 24.61
C ALA A 138 -10.72 -5.65 24.22
N ILE A 139 -10.58 -4.36 23.92
CA ILE A 139 -9.29 -3.77 23.59
C ILE A 139 -8.34 -3.87 24.78
N ASP A 140 -8.82 -3.47 25.95
CA ASP A 140 -8.03 -3.49 27.17
C ASP A 140 -7.73 -4.91 27.63
N ASP A 141 -8.75 -5.75 27.64
CA ASP A 141 -8.63 -7.13 28.10
C ASP A 141 -7.59 -7.90 27.28
N THR A 142 -7.58 -7.68 25.97
CA THR A 142 -6.62 -8.31 25.09
C THR A 142 -5.23 -7.73 25.30
N TYR A 143 -5.16 -6.41 25.44
CA TYR A 143 -3.90 -5.71 25.65
C TYR A 143 -3.22 -6.15 26.94
N ASN A 144 -3.98 -6.15 28.03
CA ASN A 144 -3.45 -6.49 29.34
C ASN A 144 -2.84 -7.88 29.41
N HIS A 145 -3.37 -8.79 28.61
CA HIS A 145 -2.90 -10.18 28.61
C HIS A 145 -1.71 -10.40 27.69
N PHE A 146 -1.68 -9.67 26.57
CA PHE A 146 -0.52 -9.70 25.69
C PHE A 146 0.67 -9.03 26.37
N VAL A 147 0.37 -8.05 27.23
CA VAL A 147 1.38 -7.43 28.07
C VAL A 147 1.93 -8.46 29.06
N LYS A 148 1.02 -9.15 29.75
CA LYS A 148 1.40 -10.12 30.76
C LYS A 148 2.15 -11.30 30.16
N PHE A 149 1.73 -11.72 28.96
CA PHE A 149 2.40 -12.82 28.27
C PHE A 149 3.80 -12.41 27.84
N SER A 150 3.94 -11.17 27.37
CA SER A 150 5.23 -10.63 26.99
C SER A 150 6.17 -10.60 28.20
N GLN A 151 5.62 -10.19 29.34
CA GLN A 151 6.38 -10.17 30.59
C GLN A 151 6.77 -11.57 31.03
N TRP A 152 5.88 -12.53 30.76
CA TRP A 152 6.12 -13.91 31.16
C TRP A 152 7.30 -14.53 30.41
N MET A 153 7.34 -14.32 29.11
CA MET A 153 8.44 -14.83 28.28
C MET A 153 9.79 -14.32 28.76
N ILE A 154 9.79 -13.08 29.25
CA ILE A 154 11.02 -12.40 29.63
C ILE A 154 11.49 -12.77 31.04
N GLU A 155 10.58 -12.70 32.00
CA GLU A 155 10.94 -12.91 33.40
C GLU A 155 11.21 -14.38 33.72
N SER A 156 10.50 -15.28 33.05
CA SER A 156 10.65 -16.72 33.30
C SER A 156 12.02 -17.22 32.85
N LEU A 157 12.54 -16.62 31.78
CA LEU A 157 13.85 -16.99 31.26
C LEU A 157 14.94 -16.08 31.82
N ARG A 158 14.54 -15.19 32.72
CA ARG A 158 15.45 -14.25 33.38
C ARG A 158 16.24 -13.40 32.38
N ILE A 159 15.61 -13.03 31.28
CA ILE A 159 16.22 -12.14 30.31
C ILE A 159 15.69 -10.73 30.51
N GLY A 160 15.34 -10.41 31.74
CA GLY A 160 14.74 -9.12 32.08
C GLY A 160 15.73 -8.00 32.30
N SER A 161 15.43 -6.84 31.74
CA SER A 161 16.24 -5.64 31.95
C SER A 161 15.37 -4.41 31.73
N ASN A 162 15.93 -3.22 31.97
CA ASN A 162 15.20 -1.97 31.78
C ASN A 162 14.81 -1.74 30.32
N LEU A 163 15.50 -2.42 29.41
CA LEU A 163 15.26 -2.25 27.98
C LEU A 163 14.10 -3.11 27.49
N LEU A 164 13.69 -4.09 28.30
CA LEU A 164 12.59 -4.96 27.94
C LEU A 164 11.35 -4.71 28.80
N ASP A 165 11.43 -3.69 29.66
CA ASP A 165 10.31 -3.32 30.52
C ASP A 165 9.18 -2.69 29.71
N LEU A 166 7.96 -3.14 29.96
CA LEU A 166 6.78 -2.50 29.42
C LEU A 166 6.33 -1.39 30.36
N GLU A 167 5.86 -0.28 29.80
CA GLU A 167 5.54 0.90 30.60
C GLU A 167 4.44 0.64 31.62
N VAL A 168 3.36 0.00 31.18
CA VAL A 168 2.21 -0.21 32.03
C VAL A 168 2.53 -1.10 33.23
N VAL A 169 3.42 -2.07 33.03
CA VAL A 169 3.88 -2.92 34.12
C VAL A 169 4.70 -2.10 35.11
N GLN A 170 5.58 -1.27 34.57
CA GLN A 170 6.45 -0.43 35.39
C GLN A 170 5.66 0.63 36.13
N PHE A 171 4.57 1.08 35.52
CA PHE A 171 3.69 2.05 36.16
C PHE A 171 2.97 1.41 37.35
N ALA A 172 2.47 0.20 37.14
CA ALA A 172 1.74 -0.51 38.18
C ALA A 172 2.65 -0.83 39.37
N ILE A 173 3.90 -1.16 39.09
CA ILE A 173 4.86 -1.49 40.14
C ILE A 173 5.16 -0.28 41.03
N LYS A 174 5.51 0.84 40.41
CA LYS A 174 5.87 2.05 41.15
C LYS A 174 4.67 2.71 41.81
N SER A 175 3.49 2.59 41.19
CA SER A 175 2.28 3.14 41.77
C SER A 175 1.88 2.34 43.01
N ALA A 176 2.18 1.05 42.99
CA ALA A 176 1.91 0.19 44.13
C ALA A 176 3.01 0.32 45.17
N ASP A 177 4.21 0.66 44.73
CA ASP A 177 5.34 0.87 45.63
C ASP A 177 5.19 2.16 46.41
N GLU A 178 4.44 3.12 45.84
CA GLU A 178 4.24 4.39 46.49
C GLU A 178 3.09 4.32 47.50
N ASP A 179 1.91 3.93 47.01
CA ASP A 179 0.73 3.84 47.88
C ASP A 179 0.83 2.67 48.86
N GLY A 180 1.87 1.86 48.70
CA GLY A 180 2.11 0.74 49.60
C GLY A 180 1.01 -0.31 49.52
N THR A 181 0.77 -0.82 48.32
CA THR A 181 -0.31 -1.77 48.10
C THR A 181 0.20 -3.16 47.76
N ASN A 182 0.09 -4.11 48.69
CA ASN A 182 -0.43 -3.88 50.05
C ASN A 182 0.19 -4.92 50.98
N ILE A 183 -0.59 -5.97 51.24
CA ILE A 183 -0.05 -7.19 51.82
C ILE A 183 0.58 -7.97 50.67
N GLY A 184 0.09 -7.68 49.46
CA GLY A 184 0.50 -8.39 48.26
C GLY A 184 -0.55 -9.44 47.96
N GLU A 185 -1.77 -8.99 47.65
CA GLU A 185 -2.92 -9.89 47.61
C GLU A 185 -2.83 -10.89 46.43
N THR A 186 -2.79 -10.47 45.15
CA THR A 186 -2.99 -9.12 44.63
C THR A 186 -3.92 -9.21 43.42
N ASP A 187 -4.70 -8.17 43.18
CA ASP A 187 -5.69 -8.21 42.11
C ASP A 187 -5.09 -7.82 40.76
N ASN A 188 -4.14 -6.90 40.78
CA ASN A 188 -3.49 -6.43 39.56
C ASN A 188 -2.56 -7.50 38.97
N ILE A 189 -2.79 -7.86 37.72
CA ILE A 189 -2.00 -8.90 37.06
C ILE A 189 -0.57 -8.43 36.80
N PHE A 190 -0.39 -7.12 36.65
CA PHE A 190 0.94 -6.56 36.42
C PHE A 190 1.80 -6.67 37.67
N LEU A 191 1.15 -6.85 38.82
CA LEU A 191 1.86 -6.96 40.09
C LEU A 191 2.14 -8.41 40.48
N GLN A 192 1.50 -9.34 39.77
CA GLN A 192 1.67 -10.76 40.05
C GLN A 192 3.01 -11.26 39.50
N GLU A 193 3.80 -11.90 40.37
CA GLU A 193 5.16 -12.30 40.02
C GLU A 193 5.19 -13.43 38.99
N ILE A 194 6.33 -13.58 38.33
CA ILE A 194 6.52 -14.61 37.32
C ILE A 194 7.44 -15.71 37.82
N LEU A 195 6.97 -16.96 37.73
CA LEU A 195 7.78 -18.09 38.14
C LEU A 195 8.77 -18.45 37.04
N PRO A 196 10.05 -18.67 37.41
CA PRO A 196 11.10 -18.99 36.45
C PRO A 196 10.94 -20.37 35.82
N VAL A 197 11.23 -20.46 34.53
CA VAL A 197 11.14 -21.73 33.80
C VAL A 197 12.48 -22.46 33.84
N ASN A 198 12.44 -23.76 34.12
CA ASN A 198 13.66 -24.55 34.27
C ASN A 198 13.96 -25.48 33.09
N SER A 199 13.07 -25.49 32.09
CA SER A 199 13.26 -26.33 30.90
C SER A 199 12.35 -25.89 29.75
N GLU A 200 12.79 -26.13 28.53
CA GLU A 200 12.00 -25.78 27.35
C GLU A 200 10.72 -26.62 27.31
N GLU A 201 10.79 -27.82 27.87
CA GLU A 201 9.62 -28.69 27.95
C GLU A 201 8.54 -28.06 28.83
N GLU A 202 8.99 -27.23 29.77
CA GLU A 202 8.07 -26.50 30.64
C GLU A 202 7.65 -25.19 29.99
N PHE A 203 8.54 -24.61 29.20
CA PHE A 203 8.24 -23.37 28.49
C PHE A 203 7.20 -23.62 27.40
N GLN A 204 7.35 -24.72 26.68
CA GLN A 204 6.40 -25.09 25.62
C GLN A 204 5.01 -25.33 26.17
N THR A 205 4.94 -26.05 27.29
CA THR A 205 3.67 -26.36 27.94
C THR A 205 2.95 -25.09 28.39
N LEU A 206 3.67 -24.23 29.09
CA LEU A 206 3.11 -22.98 29.58
C LEU A 206 2.78 -22.02 28.44
N SER A 207 3.51 -22.14 27.33
CA SER A 207 3.24 -21.31 26.15
C SER A 207 1.92 -21.72 25.51
N ALA A 208 1.64 -23.02 25.53
CA ALA A 208 0.38 -23.53 24.99
C ALA A 208 -0.79 -23.09 25.86
N ALA A 209 -0.55 -23.02 27.17
CA ALA A 209 -1.57 -22.56 28.09
C ALA A 209 -1.92 -21.10 27.82
N TRP A 210 -0.89 -20.28 27.57
CA TRP A 210 -1.09 -18.89 27.18
C TRP A 210 -1.73 -18.80 25.80
N HIS A 211 -1.28 -19.67 24.89
CA HIS A 211 -1.76 -19.69 23.51
C HIS A 211 -3.27 -19.89 23.46
N SER A 212 -3.78 -20.72 24.37
CA SER A 212 -5.21 -20.96 24.47
C SER A 212 -5.93 -19.74 25.03
N ILE A 213 -5.34 -19.12 26.05
CA ILE A 213 -5.92 -17.95 26.68
C ILE A 213 -5.93 -16.75 25.75
N LEU A 214 -4.79 -16.48 25.13
CA LEU A 214 -4.66 -15.33 24.23
C LEU A 214 -5.54 -15.46 23.00
N ASP A 215 -5.75 -16.70 22.54
CA ASP A 215 -6.65 -16.95 21.42
C ASP A 215 -8.09 -16.69 21.85
N GLY A 216 -8.38 -16.94 23.12
CA GLY A 216 -9.71 -16.69 23.66
C GLY A 216 -10.04 -15.22 23.68
N LYS A 217 -9.09 -14.41 24.15
CA LYS A 217 -9.26 -12.96 24.16
C LYS A 217 -9.30 -12.42 22.74
N LEU A 218 -8.45 -12.98 21.89
CA LEU A 218 -8.41 -12.61 20.48
C LEU A 218 -9.72 -12.96 19.77
N GLY A 219 -10.30 -14.10 20.16
CA GLY A 219 -11.57 -14.51 19.62
C GLY A 219 -12.69 -13.58 20.04
N ALA A 220 -12.65 -13.15 21.29
CA ALA A 220 -13.63 -12.22 21.82
C ALA A 220 -13.44 -10.84 21.21
N LEU A 221 -12.18 -10.50 20.92
CA LEU A 221 -11.86 -9.22 20.29
C LEU A 221 -12.40 -9.15 18.88
N ASP A 222 -12.32 -10.27 18.16
CA ASP A 222 -12.87 -10.37 16.82
C ASP A 222 -14.38 -10.18 16.82
N GLU A 223 -15.02 -10.64 17.89
CA GLU A 223 -16.47 -10.55 18.02
C GLU A 223 -16.94 -9.10 18.15
N GLU A 224 -16.25 -8.32 18.98
CA GLU A 224 -16.64 -6.94 19.21
C GLU A 224 -16.32 -6.04 18.03
N PHE A 225 -15.30 -6.40 17.26
CA PHE A 225 -14.96 -5.67 16.05
C PHE A 225 -16.05 -5.85 15.00
N ASP A 226 -16.62 -7.05 14.93
CA ASP A 226 -17.71 -7.35 14.01
C ASP A 226 -18.94 -6.52 14.34
N VAL A 227 -19.22 -6.38 15.63
CA VAL A 227 -20.38 -5.63 16.08
C VAL A 227 -20.23 -4.14 15.80
N VAL A 228 -19.04 -3.61 16.08
CA VAL A 228 -18.80 -2.18 15.92
C VAL A 228 -18.63 -1.79 14.45
N ALA A 229 -18.24 -2.77 13.62
CA ALA A 229 -18.13 -2.53 12.19
C ALA A 229 -19.50 -2.54 11.55
N THR A 230 -20.46 -3.13 12.26
CA THR A 230 -21.84 -3.16 11.82
C THR A 230 -22.50 -1.81 12.07
N LYS A 231 -22.15 -1.18 13.19
CA LYS A 231 -22.71 0.12 13.55
C LYS A 231 -22.35 1.19 12.51
N TRP A 232 -21.17 1.06 11.90
CA TRP A 232 -20.79 1.95 10.81
C TRP A 232 -21.26 1.40 9.47
N HIS A 233 -22.50 0.94 9.42
CA HIS A 233 -23.03 0.24 8.25
C HIS A 233 -22.97 1.09 6.97
N ASP A 234 -23.55 2.29 7.02
CA ASP A 234 -23.59 3.14 5.85
C ASP A 234 -23.06 4.54 6.16
N ASP B 1 -35.07 10.49 -28.24
CA ASP B 1 -34.10 10.58 -27.15
C ASP B 1 -34.78 10.34 -25.80
N ILE B 2 -34.02 9.84 -24.83
CA ILE B 2 -34.58 9.48 -23.54
C ILE B 2 -34.05 10.36 -22.41
N LYS B 3 -34.96 10.88 -21.60
CA LYS B 3 -34.59 11.68 -20.43
C LYS B 3 -34.51 10.81 -19.18
N VAL B 4 -33.64 11.19 -18.26
CA VAL B 4 -33.42 10.42 -17.04
C VAL B 4 -34.62 10.50 -16.10
N THR B 5 -34.93 9.37 -15.45
CA THR B 5 -35.98 9.30 -14.45
C THR B 5 -35.36 9.15 -13.07
N PRO B 6 -36.00 9.71 -12.03
CA PRO B 6 -35.53 9.75 -10.63
C PRO B 6 -34.74 8.52 -10.18
N GLY B 7 -35.20 7.32 -10.53
CA GLY B 7 -34.56 6.10 -10.10
C GLY B 7 -33.34 5.69 -10.91
N THR B 8 -32.87 6.59 -11.76
CA THR B 8 -31.68 6.32 -12.59
C THR B 8 -30.41 6.27 -11.75
N SER B 9 -30.34 7.18 -10.76
CA SER B 9 -29.16 7.28 -9.90
C SER B 9 -28.86 5.97 -9.19
N GLU B 10 -29.91 5.26 -8.80
CA GLU B 10 -29.73 3.98 -8.11
C GLU B 10 -29.50 2.84 -9.09
N LEU B 11 -29.93 3.04 -10.34
CA LEU B 11 -29.66 2.08 -11.39
C LEU B 11 -28.17 2.06 -11.70
N VAL B 12 -27.58 3.26 -11.74
CA VAL B 12 -26.14 3.41 -12.00
C VAL B 12 -25.30 2.73 -10.91
N GLU B 13 -25.64 3.02 -9.66
CA GLU B 13 -24.97 2.41 -8.52
C GLU B 13 -25.09 0.89 -8.54
N GLN B 14 -26.23 0.42 -9.04
CA GLN B 14 -26.51 -1.01 -9.12
C GLN B 14 -25.65 -1.69 -10.18
N ILE B 15 -25.35 -0.95 -11.25
CA ILE B 15 -24.50 -1.47 -12.32
C ILE B 15 -23.03 -1.47 -11.92
N LEU B 16 -22.61 -0.41 -11.23
CA LEU B 16 -21.23 -0.29 -10.79
C LEU B 16 -20.90 -1.29 -9.69
N ALA B 17 -21.91 -1.68 -8.92
CA ALA B 17 -21.74 -2.69 -7.88
C ALA B 17 -21.37 -4.02 -8.50
N LEU B 18 -21.92 -4.28 -9.68
CA LEU B 18 -21.62 -5.51 -10.42
C LEU B 18 -20.15 -5.55 -10.82
N LEU B 19 -19.64 -4.43 -11.32
CA LEU B 19 -18.25 -4.32 -11.70
C LEU B 19 -17.34 -4.37 -10.48
N SER B 20 -17.87 -3.89 -9.35
CA SER B 20 -17.12 -3.86 -8.10
C SER B 20 -16.87 -5.26 -7.55
N ARG B 21 -17.84 -6.15 -7.70
CA ARG B 21 -17.70 -7.54 -7.24
C ARG B 21 -16.75 -8.30 -8.16
N TYR B 22 -16.85 -8.02 -9.45
CA TYR B 22 -15.97 -8.62 -10.46
C TYR B 22 -14.52 -8.33 -10.12
N LEU B 23 -14.23 -7.06 -9.84
CA LEU B 23 -12.89 -6.63 -9.45
C LEU B 23 -12.47 -7.26 -8.12
N SER B 24 -13.36 -7.21 -7.15
CA SER B 24 -13.06 -7.71 -5.80
C SER B 24 -12.80 -9.22 -5.78
N SER B 25 -13.44 -9.96 -6.69
CA SER B 25 -13.20 -11.38 -6.80
C SER B 25 -11.76 -11.66 -7.19
N TYR B 26 -11.29 -10.94 -8.19
CA TYR B 26 -9.91 -11.04 -8.63
C TYR B 26 -8.95 -10.54 -7.55
N ILE B 27 -9.25 -9.37 -6.98
CA ILE B 27 -8.43 -8.79 -5.92
C ILE B 27 -8.27 -9.74 -4.74
N HIS B 28 -9.36 -10.38 -4.34
CA HIS B 28 -9.35 -11.30 -3.21
C HIS B 28 -8.48 -12.52 -3.44
N VAL B 29 -8.67 -13.17 -4.59
CA VAL B 29 -7.99 -14.43 -4.86
C VAL B 29 -6.53 -14.22 -5.27
N LEU B 30 -6.24 -13.10 -5.92
CA LEU B 30 -4.88 -12.80 -6.32
C LEU B 30 -4.02 -12.42 -5.11
N ASN B 31 -4.64 -11.80 -4.12
CA ASN B 31 -3.95 -11.49 -2.87
C ASN B 31 -3.45 -12.77 -2.19
N LYS B 32 -4.26 -13.82 -2.27
CA LYS B 32 -3.87 -15.13 -1.75
C LYS B 32 -2.72 -15.72 -2.56
N PHE B 33 -2.77 -15.54 -3.87
CA PHE B 33 -1.75 -16.09 -4.76
C PHE B 33 -0.43 -15.35 -4.58
N ILE B 34 -0.48 -14.02 -4.53
CA ILE B 34 0.70 -13.20 -4.32
C ILE B 34 1.35 -13.48 -2.97
N SER B 35 0.51 -13.71 -1.96
CA SER B 35 1.00 -13.97 -0.61
C SER B 35 1.65 -15.35 -0.48
N HIS B 36 1.45 -16.19 -1.49
N HIS B 36 1.43 -16.18 -1.50
CA HIS B 36 2.01 -17.53 -1.48
CA HIS B 36 1.98 -17.55 -1.52
C HIS B 36 3.22 -17.65 -2.40
C HIS B 36 3.24 -17.62 -2.37
N LEU B 37 3.28 -16.81 -3.43
CA LEU B 37 4.42 -16.79 -4.33
C LEU B 37 5.63 -16.14 -3.65
N ARG B 38 5.38 -15.50 -2.52
CA ARG B 38 6.42 -14.90 -1.70
C ARG B 38 7.39 -15.95 -1.19
N ARG B 39 6.90 -17.18 -1.03
CA ARG B 39 7.71 -18.27 -0.52
C ARG B 39 8.37 -19.06 -1.66
N VAL B 40 8.07 -18.68 -2.89
CA VAL B 40 8.69 -19.31 -4.06
C VAL B 40 9.59 -18.31 -4.77
N ALA B 41 10.90 -18.47 -4.55
CA ALA B 41 11.88 -17.51 -5.04
C ALA B 41 11.98 -17.48 -6.57
N THR B 42 11.73 -18.61 -7.21
CA THR B 42 11.88 -18.71 -8.66
C THR B 42 10.78 -17.95 -9.40
N LEU B 43 9.74 -17.54 -8.67
CA LEU B 43 8.63 -16.80 -9.26
C LEU B 43 8.55 -15.38 -8.69
N ARG B 44 9.71 -14.85 -8.29
CA ARG B 44 9.78 -13.53 -7.66
C ARG B 44 9.28 -12.42 -8.57
N PHE B 45 9.70 -12.43 -9.83
CA PHE B 45 9.37 -11.36 -10.77
C PHE B 45 7.99 -11.53 -11.38
N GLU B 46 7.51 -12.77 -11.43
CA GLU B 46 6.14 -13.04 -11.87
C GLU B 46 5.16 -12.53 -10.81
N ARG B 47 5.63 -12.50 -9.57
CA ARG B 47 4.82 -12.04 -8.45
C ARG B 47 4.64 -10.52 -8.49
N THR B 48 5.71 -9.81 -8.85
CA THR B 48 5.67 -8.36 -8.92
C THR B 48 4.76 -7.89 -10.06
N THR B 49 4.67 -8.70 -11.11
CA THR B 49 3.78 -8.40 -12.23
C THR B 49 2.33 -8.45 -11.78
N LEU B 50 2.02 -9.42 -10.93
CA LEU B 50 0.68 -9.59 -10.39
C LEU B 50 0.32 -8.48 -9.41
N ILE B 51 1.31 -8.03 -8.64
CA ILE B 51 1.10 -6.93 -7.70
C ILE B 51 0.71 -5.67 -8.45
N LYS B 52 1.36 -5.43 -9.59
CA LYS B 52 1.03 -4.30 -10.45
C LYS B 52 -0.41 -4.37 -10.92
N PHE B 53 -0.82 -5.56 -11.34
CA PHE B 53 -2.19 -5.79 -11.82
C PHE B 53 -3.22 -5.60 -10.71
N VAL B 54 -2.93 -6.14 -9.53
CA VAL B 54 -3.83 -6.03 -8.39
C VAL B 54 -4.01 -4.58 -7.96
N LYS B 55 -2.91 -3.83 -7.95
CA LYS B 55 -2.96 -2.41 -7.62
C LYS B 55 -3.88 -1.66 -8.58
N LYS B 56 -3.81 -2.03 -9.87
CA LYS B 56 -4.66 -1.44 -10.88
C LYS B 56 -6.13 -1.80 -10.63
N LEU B 57 -6.35 -3.04 -10.22
CA LEU B 57 -7.71 -3.49 -9.90
C LEU B 57 -8.22 -2.82 -8.64
N ARG B 58 -7.32 -2.57 -7.69
CA ARG B 58 -7.68 -1.84 -6.48
C ARG B 58 -8.14 -0.42 -6.80
N PHE B 59 -7.46 0.19 -7.75
CA PHE B 59 -7.78 1.57 -8.15
C PHE B 59 -9.14 1.63 -8.84
N TYR B 60 -9.39 0.72 -9.78
CA TYR B 60 -10.67 0.65 -10.46
C TYR B 60 -11.79 0.38 -9.47
N ASN B 61 -11.49 -0.41 -8.45
CA ASN B 61 -12.46 -0.75 -7.42
C ASN B 61 -12.76 0.42 -6.48
N ASP B 62 -11.72 1.13 -6.08
CA ASP B 62 -11.88 2.27 -5.19
C ASP B 62 -12.57 3.44 -5.89
N SER B 63 -12.39 3.53 -7.20
CA SER B 63 -13.02 4.57 -7.99
C SER B 63 -14.52 4.31 -8.16
N VAL B 64 -14.87 3.05 -8.35
CA VAL B 64 -16.26 2.65 -8.52
C VAL B 64 -17.05 2.83 -7.23
N LEU B 65 -16.45 2.43 -6.11
CA LEU B 65 -17.11 2.48 -4.81
C LEU B 65 -17.19 3.91 -4.26
N SER B 66 -16.51 4.84 -4.91
CA SER B 66 -16.50 6.23 -4.47
C SER B 66 -17.36 7.11 -5.37
N TYR B 67 -17.75 6.58 -6.52
CA TYR B 67 -18.52 7.34 -7.49
C TYR B 67 -19.95 7.58 -7.02
N ASN B 68 -20.27 8.83 -6.71
CA ASN B 68 -21.63 9.20 -6.35
C ASN B 68 -22.45 9.51 -7.59
N ALA B 69 -23.35 8.59 -7.94
CA ALA B 69 -24.13 8.71 -9.17
C ALA B 69 -25.04 9.94 -9.15
N SER B 70 -25.55 10.30 -7.98
CA SER B 70 -26.45 11.43 -7.84
C SER B 70 -25.72 12.76 -7.90
N GLU B 71 -24.38 12.70 -7.99
CA GLU B 71 -23.58 13.92 -8.07
C GLU B 71 -23.46 14.38 -9.52
N PHE B 72 -23.75 13.49 -10.46
CA PHE B 72 -23.55 13.79 -11.87
C PHE B 72 -24.83 13.64 -12.70
N ILE B 73 -25.98 13.69 -12.04
CA ILE B 73 -27.26 13.57 -12.73
C ILE B 73 -28.27 14.62 -12.27
N ASN B 74 -28.96 15.25 -13.22
CA ASN B 74 -30.02 16.20 -12.92
C ASN B 74 -31.34 15.77 -13.54
N GLU B 75 -32.41 15.81 -12.75
CA GLU B 75 -33.74 15.48 -13.24
C GLU B 75 -34.82 16.21 -12.45
N PRO B 82 -38.31 17.67 -18.48
CA PRO B 82 -38.63 19.00 -19.01
C PRO B 82 -37.45 19.65 -19.71
N GLY B 83 -36.25 19.15 -19.42
CA GLY B 83 -35.03 19.70 -19.98
C GLY B 83 -33.84 19.18 -19.20
N ALA B 84 -34.00 18.00 -18.62
CA ALA B 84 -32.97 17.40 -17.77
C ALA B 84 -31.91 16.67 -18.58
N ASP B 85 -31.19 15.78 -17.92
CA ASP B 85 -30.14 15.00 -18.57
C ASP B 85 -30.70 13.93 -19.49
N SER B 86 -30.11 13.82 -20.69
CA SER B 86 -30.42 12.71 -21.57
C SER B 86 -29.86 11.43 -20.96
N PHE B 87 -30.60 10.33 -21.09
CA PHE B 87 -30.24 9.11 -20.39
C PHE B 87 -28.92 8.50 -20.89
N ASP B 88 -28.69 8.53 -22.19
CA ASP B 88 -27.48 7.93 -22.76
C ASP B 88 -26.22 8.66 -22.33
N LYS B 89 -26.34 9.95 -22.04
CA LYS B 89 -25.20 10.77 -21.66
C LYS B 89 -24.70 10.44 -20.26
N VAL B 90 -25.58 9.93 -19.41
CA VAL B 90 -25.20 9.58 -18.05
C VAL B 90 -24.75 8.13 -17.99
N ILE B 91 -24.98 7.39 -19.07
CA ILE B 91 -24.61 5.98 -19.14
C ILE B 91 -23.24 5.81 -19.79
N LEU B 92 -22.93 6.70 -20.72
CA LEU B 92 -21.64 6.67 -21.42
C LEU B 92 -20.41 6.57 -20.51
N PRO B 93 -20.35 7.37 -19.42
CA PRO B 93 -19.19 7.20 -18.53
C PRO B 93 -19.16 5.84 -17.84
N ILE B 94 -20.33 5.24 -17.64
CA ILE B 94 -20.40 3.92 -17.02
C ILE B 94 -19.94 2.85 -17.99
N ALA B 95 -20.42 2.94 -19.23
CA ALA B 95 -20.04 2.00 -20.27
C ALA B 95 -18.55 2.11 -20.59
N SER B 96 -18.05 3.35 -20.60
CA SER B 96 -16.64 3.60 -20.83
C SER B 96 -15.79 2.95 -19.75
N MET B 97 -16.28 3.00 -18.51
CA MET B 97 -15.56 2.40 -17.39
C MET B 97 -15.49 0.89 -17.53
N PHE B 98 -16.60 0.29 -17.96
CA PHE B 98 -16.66 -1.14 -18.18
C PHE B 98 -15.69 -1.59 -19.27
N VAL B 99 -15.64 -0.83 -20.36
CA VAL B 99 -14.75 -1.12 -21.47
C VAL B 99 -13.29 -1.08 -21.01
N LYS B 100 -12.94 -0.06 -20.24
CA LYS B 100 -11.58 0.10 -19.73
C LYS B 100 -11.19 -1.07 -18.81
N CYS B 101 -12.15 -1.50 -17.98
CA CYS B 101 -11.90 -2.59 -17.05
C CYS B 101 -11.83 -3.95 -17.77
N VAL B 102 -12.70 -4.14 -18.76
CA VAL B 102 -12.73 -5.39 -19.50
C VAL B 102 -11.41 -5.64 -20.24
N GLU B 103 -10.93 -4.61 -20.92
CA GLU B 103 -9.66 -4.72 -21.65
C GLU B 103 -8.51 -4.97 -20.69
N THR B 104 -8.64 -4.45 -19.47
CA THR B 104 -7.65 -4.71 -18.42
C THR B 104 -7.73 -6.16 -17.99
N PHE B 105 -8.95 -6.67 -17.82
CA PHE B 105 -9.15 -8.07 -17.48
C PHE B 105 -8.59 -8.97 -18.56
N ASP B 106 -8.80 -8.59 -19.82
CA ASP B 106 -8.30 -9.35 -20.97
C ASP B 106 -6.79 -9.51 -20.91
N LEU B 107 -6.09 -8.42 -20.60
CA LEU B 107 -4.64 -8.45 -20.44
C LEU B 107 -4.26 -9.32 -19.24
N LEU B 108 -4.95 -9.11 -18.13
CA LEU B 108 -4.68 -9.87 -16.91
C LEU B 108 -5.01 -11.35 -17.10
N ASN B 109 -6.13 -11.63 -17.74
CA ASN B 109 -6.56 -13.01 -17.95
C ASN B 109 -5.55 -13.81 -18.75
N TYR B 110 -5.04 -13.23 -19.83
CA TYR B 110 -4.08 -13.92 -20.69
C TYR B 110 -2.80 -14.27 -19.92
N TYR B 111 -2.30 -13.31 -19.15
CA TYR B 111 -1.10 -13.53 -18.36
C TYR B 111 -1.31 -14.61 -17.32
N LEU B 112 -2.46 -14.55 -16.65
CA LEU B 112 -2.75 -15.45 -15.55
C LEU B 112 -3.15 -16.84 -16.04
N THR B 113 -3.75 -16.91 -17.22
CA THR B 113 -4.22 -18.17 -17.77
C THR B 113 -3.22 -18.84 -18.70
N GLN B 114 -2.52 -18.05 -19.50
CA GLN B 114 -1.59 -18.61 -20.47
C GLN B 114 -0.12 -18.51 -20.05
N SER B 115 0.40 -17.28 -20.06
CA SER B 115 1.82 -17.04 -19.84
C SER B 115 2.34 -17.55 -18.50
N LEU B 116 1.62 -17.26 -17.43
CA LEU B 116 2.07 -17.61 -16.09
C LEU B 116 1.99 -19.10 -15.82
N GLN B 117 0.92 -19.74 -16.31
CA GLN B 117 0.71 -21.16 -16.08
C GLN B 117 1.81 -22.00 -16.73
N LYS B 118 2.28 -21.57 -17.89
CA LYS B 118 3.34 -22.29 -18.59
C LYS B 118 4.71 -21.98 -17.99
N GLU B 119 4.83 -20.81 -17.37
CA GLU B 119 6.04 -20.42 -16.65
C GLU B 119 6.17 -21.20 -15.35
N ILE B 120 5.05 -21.33 -14.64
CA ILE B 120 5.02 -22.06 -13.38
C ILE B 120 5.35 -23.54 -13.59
N LEU B 121 4.82 -24.11 -14.66
CA LEU B 121 5.10 -25.50 -15.02
C LEU B 121 6.58 -25.68 -15.36
N SER B 122 7.15 -24.68 -16.03
CA SER B 122 8.53 -24.75 -16.47
C SER B 122 9.53 -24.57 -15.34
N LYS B 123 9.16 -23.74 -14.35
CA LYS B 123 10.07 -23.39 -13.27
C LYS B 123 9.98 -24.32 -12.07
N THR B 124 8.76 -24.69 -11.69
CA THR B 124 8.55 -25.48 -10.48
C THR B 124 8.42 -26.98 -10.79
N LEU B 125 8.30 -27.30 -12.06
CA LEU B 125 8.22 -28.69 -12.53
C LEU B 125 7.03 -29.47 -11.96
N ASN B 126 6.05 -28.76 -11.42
CA ASN B 126 4.84 -29.40 -10.90
C ASN B 126 3.64 -28.45 -10.90
N GLU B 127 2.47 -28.98 -10.54
CA GLU B 127 1.24 -28.21 -10.60
C GLU B 127 0.73 -27.81 -9.21
N ASP B 128 1.66 -27.53 -8.30
CA ASP B 128 1.28 -27.17 -6.94
C ASP B 128 0.85 -25.71 -6.82
N LEU B 129 0.96 -24.96 -7.91
CA LEU B 129 0.64 -23.54 -7.90
C LEU B 129 -0.16 -23.10 -9.13
N THR B 130 -0.59 -24.07 -9.93
CA THR B 130 -1.31 -23.77 -11.16
C THR B 130 -2.81 -23.68 -10.93
N LEU B 131 -3.50 -22.89 -11.75
CA LEU B 131 -4.95 -22.80 -11.71
C LEU B 131 -5.58 -24.10 -12.19
N THR B 132 -6.73 -24.45 -11.61
CA THR B 132 -7.47 -25.62 -12.06
C THR B 132 -8.10 -25.34 -13.41
N ALA B 133 -8.33 -26.40 -14.19
CA ALA B 133 -8.93 -26.26 -15.51
C ALA B 133 -10.35 -25.70 -15.43
N GLU B 134 -11.01 -25.95 -14.29
CA GLU B 134 -12.37 -25.48 -14.08
C GLU B 134 -12.39 -23.98 -13.76
N SER B 135 -11.41 -23.53 -12.99
CA SER B 135 -11.32 -22.12 -12.64
C SER B 135 -11.07 -21.26 -13.87
N ILE B 136 -10.27 -21.78 -14.79
CA ILE B 136 -9.97 -21.10 -16.04
C ILE B 136 -11.24 -20.91 -16.88
N LEU B 137 -12.09 -21.93 -16.89
CA LEU B 137 -13.36 -21.87 -17.62
C LEU B 137 -14.26 -20.78 -17.07
N ALA B 138 -14.27 -20.64 -15.74
CA ALA B 138 -15.07 -19.62 -15.08
C ALA B 138 -14.52 -18.22 -15.38
N ILE B 139 -13.20 -18.14 -15.55
CA ILE B 139 -12.54 -16.87 -15.89
C ILE B 139 -13.06 -16.34 -17.22
N ASP B 140 -13.04 -17.18 -18.24
CA ASP B 140 -13.45 -16.78 -19.59
C ASP B 140 -14.96 -16.59 -19.70
N ASP B 141 -15.72 -17.47 -19.04
CA ASP B 141 -17.18 -17.39 -19.09
C ASP B 141 -17.69 -16.10 -18.45
N THR B 142 -17.01 -15.67 -17.39
CA THR B 142 -17.34 -14.41 -16.74
C THR B 142 -16.93 -13.25 -17.62
N TYR B 143 -15.75 -13.37 -18.22
CA TYR B 143 -15.22 -12.35 -19.12
C TYR B 143 -16.14 -12.14 -20.32
N ASN B 144 -16.52 -13.23 -20.97
CA ASN B 144 -17.35 -13.17 -22.16
C ASN B 144 -18.71 -12.51 -21.93
N HIS B 145 -19.26 -12.71 -20.74
CA HIS B 145 -20.57 -12.18 -20.40
C HIS B 145 -20.50 -10.72 -19.95
N PHE B 146 -19.40 -10.34 -19.33
CA PHE B 146 -19.18 -8.94 -18.96
C PHE B 146 -18.89 -8.11 -20.21
N VAL B 147 -18.26 -8.75 -21.19
CA VAL B 147 -18.04 -8.15 -22.49
C VAL B 147 -19.37 -7.91 -23.18
N LYS B 148 -20.21 -8.94 -23.20
CA LYS B 148 -21.50 -8.86 -23.86
C LYS B 148 -22.41 -7.83 -23.20
N PHE B 149 -22.37 -7.79 -21.88
CA PHE B 149 -23.14 -6.79 -21.13
C PHE B 149 -22.63 -5.39 -21.40
N SER B 150 -21.32 -5.27 -21.59
CA SER B 150 -20.72 -3.98 -21.94
C SER B 150 -21.10 -3.60 -23.37
N GLN B 151 -21.32 -4.60 -24.21
CA GLN B 151 -21.74 -4.35 -25.58
C GLN B 151 -23.21 -3.95 -25.63
N TRP B 152 -24.03 -4.60 -24.82
CA TRP B 152 -25.46 -4.31 -24.78
C TRP B 152 -25.74 -2.89 -24.31
N MET B 153 -25.06 -2.47 -23.25
CA MET B 153 -25.21 -1.12 -22.72
C MET B 153 -24.90 -0.07 -23.78
N ILE B 154 -23.88 -0.34 -24.58
CA ILE B 154 -23.42 0.61 -25.59
C ILE B 154 -24.30 0.61 -26.85
N GLU B 155 -24.58 -0.59 -27.36
CA GLU B 155 -25.31 -0.71 -28.62
C GLU B 155 -26.79 -0.32 -28.49
N SER B 156 -27.43 -0.79 -27.43
CA SER B 156 -28.87 -0.57 -27.24
C SER B 156 -29.21 0.90 -27.06
N LEU B 157 -28.26 1.68 -26.53
CA LEU B 157 -28.47 3.10 -26.33
C LEU B 157 -27.87 3.93 -27.46
N ARG B 158 -27.39 3.24 -28.50
CA ARG B 158 -26.86 3.88 -29.70
C ARG B 158 -25.70 4.84 -29.42
N ILE B 159 -24.83 4.48 -28.49
CA ILE B 159 -23.68 5.32 -28.17
C ILE B 159 -22.37 4.69 -28.65
N GLY B 160 -22.48 3.79 -29.63
CA GLY B 160 -21.34 3.07 -30.14
C GLY B 160 -20.44 3.88 -31.06
N SER B 161 -19.17 3.52 -31.07
CA SER B 161 -18.19 4.16 -31.96
C SER B 161 -16.98 3.25 -32.12
N ASN B 162 -15.86 3.83 -32.52
CA ASN B 162 -14.61 3.08 -32.63
C ASN B 162 -13.83 3.15 -31.34
N LEU B 163 -14.22 4.11 -30.49
CA LEU B 163 -13.54 4.38 -29.24
C LEU B 163 -14.17 3.63 -28.07
N LEU B 164 -15.21 2.86 -28.36
CA LEU B 164 -15.86 2.03 -27.34
C LEU B 164 -15.90 0.57 -27.77
N ASP B 165 -15.21 0.26 -28.86
CA ASP B 165 -15.13 -1.12 -29.34
C ASP B 165 -14.23 -1.97 -28.43
N LEU B 166 -14.63 -3.21 -28.23
CA LEU B 166 -13.82 -4.17 -27.50
C LEU B 166 -13.07 -5.04 -28.49
N GLU B 167 -11.83 -5.40 -28.16
CA GLU B 167 -10.99 -6.14 -29.09
C GLU B 167 -11.57 -7.52 -29.43
N VAL B 168 -12.06 -8.22 -28.42
CA VAL B 168 -12.57 -9.57 -28.61
C VAL B 168 -13.86 -9.56 -29.44
N VAL B 169 -14.62 -8.49 -29.34
CA VAL B 169 -15.84 -8.34 -30.12
C VAL B 169 -15.49 -8.05 -31.58
N GLN B 170 -14.63 -7.06 -31.80
CA GLN B 170 -14.26 -6.64 -33.14
C GLN B 170 -13.45 -7.72 -33.85
N PHE B 171 -12.74 -8.54 -33.08
CA PHE B 171 -12.00 -9.66 -33.65
C PHE B 171 -12.94 -10.76 -34.12
N ALA B 172 -13.98 -11.01 -33.32
CA ALA B 172 -14.97 -12.03 -33.65
C ALA B 172 -15.77 -11.65 -34.89
N ILE B 173 -16.04 -10.36 -35.06
CA ILE B 173 -16.79 -9.86 -36.20
C ILE B 173 -15.98 -9.99 -37.48
N LYS B 174 -14.74 -9.52 -37.44
CA LYS B 174 -13.85 -9.57 -38.60
C LYS B 174 -13.53 -11.01 -38.99
N SER B 175 -13.37 -11.88 -38.00
CA SER B 175 -13.08 -13.28 -38.26
C SER B 175 -14.28 -14.00 -38.87
N ALA B 176 -15.48 -13.50 -38.56
CA ALA B 176 -16.70 -14.08 -39.08
C ALA B 176 -16.96 -13.64 -40.52
N ASP B 177 -16.79 -12.35 -40.78
CA ASP B 177 -17.01 -11.79 -42.11
C ASP B 177 -15.96 -12.28 -43.09
N GLU B 178 -14.85 -12.80 -42.56
CA GLU B 178 -13.77 -13.33 -43.38
C GLU B 178 -13.94 -14.84 -43.57
N ASP B 179 -14.68 -15.47 -42.67
CA ASP B 179 -14.95 -16.90 -42.76
C ASP B 179 -16.34 -17.18 -43.32
N GLY B 180 -17.14 -17.94 -42.56
CA GLY B 180 -18.45 -18.35 -43.02
C GLY B 180 -19.54 -18.32 -41.98
N THR B 181 -19.14 -18.22 -40.71
CA THR B 181 -20.11 -18.18 -39.61
C THR B 181 -20.65 -16.77 -39.40
N ASN B 182 -20.52 -15.94 -40.43
CA ASN B 182 -20.99 -14.57 -40.38
C ASN B 182 -22.50 -14.47 -40.33
N ILE B 183 -23.16 -14.90 -41.41
CA ILE B 183 -24.61 -14.76 -41.54
C ILE B 183 -25.39 -15.96 -41.02
N GLY B 184 -25.08 -16.39 -39.80
CA GLY B 184 -25.80 -17.45 -39.15
C GLY B 184 -26.25 -17.02 -37.77
N GLU B 185 -27.13 -17.81 -37.17
CA GLU B 185 -27.58 -17.54 -35.80
C GLU B 185 -26.41 -17.62 -34.83
N THR B 186 -25.56 -18.61 -35.06
CA THR B 186 -24.28 -18.87 -34.36
C THR B 186 -24.36 -18.94 -32.82
N ASP B 187 -23.60 -19.88 -32.26
CA ASP B 187 -23.52 -20.04 -30.82
C ASP B 187 -22.69 -18.91 -30.21
N ASN B 188 -21.81 -18.34 -31.02
CA ASN B 188 -20.96 -17.24 -30.59
C ASN B 188 -21.78 -16.02 -30.18
N ILE B 189 -21.64 -15.61 -28.92
CA ILE B 189 -22.46 -14.55 -28.37
C ILE B 189 -22.02 -13.17 -28.84
N PHE B 190 -20.79 -13.07 -29.34
CA PHE B 190 -20.23 -11.79 -29.74
C PHE B 190 -20.79 -11.29 -31.08
N LEU B 191 -21.39 -12.20 -31.85
CA LEU B 191 -21.92 -11.86 -33.17
C LEU B 191 -23.42 -11.57 -33.12
N GLN B 192 -24.07 -12.02 -32.06
CA GLN B 192 -25.52 -11.84 -31.92
C GLN B 192 -25.88 -10.36 -31.79
N GLU B 193 -26.85 -9.92 -32.58
CA GLU B 193 -27.20 -8.50 -32.65
C GLU B 193 -27.86 -8.00 -31.37
N ILE B 194 -27.68 -6.71 -31.09
CA ILE B 194 -28.28 -6.07 -29.93
C ILE B 194 -29.48 -5.22 -30.34
N LEU B 195 -30.60 -5.41 -29.68
CA LEU B 195 -31.80 -4.62 -29.97
C LEU B 195 -31.77 -3.29 -29.22
N PRO B 196 -32.03 -2.19 -29.93
CA PRO B 196 -32.02 -0.84 -29.35
C PRO B 196 -33.15 -0.65 -28.33
N VAL B 197 -32.78 -0.27 -27.11
CA VAL B 197 -33.74 -0.05 -26.04
C VAL B 197 -34.64 1.16 -26.33
N ASN B 198 -35.94 0.98 -26.14
CA ASN B 198 -36.92 2.00 -26.52
C ASN B 198 -37.19 3.04 -25.44
N SER B 199 -36.92 2.71 -24.18
CA SER B 199 -37.22 3.63 -23.08
C SER B 199 -36.37 3.40 -21.84
N GLU B 200 -36.41 4.36 -20.92
CA GLU B 200 -35.68 4.27 -19.65
C GLU B 200 -36.04 3.01 -18.88
N GLU B 201 -37.33 2.70 -18.84
CA GLU B 201 -37.82 1.54 -18.10
C GLU B 201 -37.28 0.23 -18.68
N GLU B 202 -37.27 0.13 -20.00
CA GLU B 202 -36.81 -1.09 -20.67
C GLU B 202 -35.34 -1.36 -20.37
N PHE B 203 -34.53 -0.31 -20.35
CA PHE B 203 -33.13 -0.44 -20.00
C PHE B 203 -32.99 -0.94 -18.56
N GLN B 204 -33.80 -0.36 -17.67
CA GLN B 204 -33.71 -0.65 -16.25
C GLN B 204 -34.17 -2.07 -15.92
N THR B 205 -35.03 -2.64 -16.76
CA THR B 205 -35.51 -4.00 -16.57
C THR B 205 -34.52 -5.02 -17.12
N LEU B 206 -34.03 -4.76 -18.34
CA LEU B 206 -33.04 -5.62 -18.97
C LEU B 206 -31.72 -5.60 -18.20
N SER B 207 -31.43 -4.46 -17.56
CA SER B 207 -30.21 -4.33 -16.75
C SER B 207 -30.29 -5.25 -15.53
N ALA B 208 -31.47 -5.29 -14.91
CA ALA B 208 -31.69 -6.16 -13.76
C ALA B 208 -31.64 -7.63 -14.20
N ALA B 209 -32.00 -7.87 -15.45
CA ALA B 209 -31.94 -9.21 -16.01
C ALA B 209 -30.49 -9.64 -16.22
N TRP B 210 -29.67 -8.70 -16.69
CA TRP B 210 -28.23 -8.94 -16.80
C TRP B 210 -27.61 -9.11 -15.43
N HIS B 211 -28.14 -8.36 -14.46
CA HIS B 211 -27.66 -8.39 -13.09
C HIS B 211 -27.80 -9.79 -12.50
N SER B 212 -28.93 -10.43 -12.78
CA SER B 212 -29.19 -11.78 -12.32
C SER B 212 -28.21 -12.78 -12.94
N ILE B 213 -27.93 -12.60 -14.22
CA ILE B 213 -27.04 -13.49 -14.94
C ILE B 213 -25.57 -13.28 -14.54
N LEU B 214 -25.13 -12.04 -14.49
CA LEU B 214 -23.75 -11.73 -14.18
C LEU B 214 -23.38 -12.04 -12.74
N ASP B 215 -24.34 -11.91 -11.83
CA ASP B 215 -24.13 -12.30 -10.43
C ASP B 215 -24.01 -13.81 -10.34
N GLY B 216 -24.70 -14.51 -11.23
CA GLY B 216 -24.65 -15.96 -11.29
C GLY B 216 -23.28 -16.43 -11.75
N LYS B 217 -22.74 -15.76 -12.76
CA LYS B 217 -21.40 -16.05 -13.26
C LYS B 217 -20.36 -15.69 -12.20
N LEU B 218 -20.58 -14.56 -11.54
CA LEU B 218 -19.68 -14.09 -10.50
C LEU B 218 -19.71 -15.01 -9.30
N GLY B 219 -20.89 -15.59 -9.03
CA GLY B 219 -21.04 -16.53 -7.94
C GLY B 219 -20.30 -17.83 -8.21
N ALA B 220 -20.36 -18.28 -9.46
CA ALA B 220 -19.63 -19.47 -9.89
C ALA B 220 -18.13 -19.20 -9.88
N LEU B 221 -17.75 -17.99 -10.26
CA LEU B 221 -16.35 -17.59 -10.27
C LEU B 221 -15.77 -17.57 -8.86
N ASP B 222 -16.58 -17.11 -7.91
CA ASP B 222 -16.18 -17.08 -6.50
C ASP B 222 -15.90 -18.48 -5.98
N GLU B 223 -16.72 -19.44 -6.43
CA GLU B 223 -16.55 -20.84 -6.03
C GLU B 223 -15.18 -21.35 -6.44
N GLU B 224 -14.89 -21.27 -7.74
CA GLU B 224 -13.64 -21.80 -8.30
C GLU B 224 -12.40 -21.13 -7.69
N PHE B 225 -12.54 -19.87 -7.31
CA PHE B 225 -11.45 -19.13 -6.69
C PHE B 225 -11.14 -19.65 -5.29
N ASP B 226 -12.16 -20.21 -4.63
CA ASP B 226 -12.00 -20.72 -3.28
C ASP B 226 -11.30 -22.08 -3.27
N VAL B 227 -11.53 -22.87 -4.32
CA VAL B 227 -10.95 -24.21 -4.38
C VAL B 227 -9.52 -24.18 -4.91
N VAL B 228 -9.18 -23.13 -5.64
CA VAL B 228 -7.84 -22.99 -6.20
C VAL B 228 -6.91 -22.37 -5.15
N ALA B 229 -7.50 -21.65 -4.20
CA ALA B 229 -6.75 -21.10 -3.09
C ALA B 229 -6.43 -22.20 -2.10
N THR B 230 -7.33 -23.17 -2.02
CA THR B 230 -7.10 -24.36 -1.19
C THR B 230 -5.94 -25.16 -1.75
N LYS B 231 -5.92 -25.32 -3.06
CA LYS B 231 -4.85 -26.02 -3.77
C LYS B 231 -3.47 -25.44 -3.45
N TRP B 232 -3.44 -24.15 -3.11
CA TRP B 232 -2.20 -23.45 -2.82
C TRP B 232 -1.83 -23.48 -1.34
N HIS B 233 -2.49 -24.35 -0.57
CA HIS B 233 -2.40 -24.42 0.90
C HIS B 233 -1.15 -23.83 1.54
N ASP C 1 33.27 -14.54 15.00
CA ASP C 1 32.49 -14.24 16.19
C ASP C 1 33.29 -13.36 17.14
N ILE C 2 33.01 -12.05 17.10
CA ILE C 2 33.75 -11.08 17.91
C ILE C 2 33.48 -11.27 19.40
N LYS C 3 34.53 -11.16 20.21
CA LYS C 3 34.39 -11.29 21.66
C LYS C 3 34.47 -9.93 22.37
N VAL C 4 33.82 -9.85 23.52
CA VAL C 4 33.73 -8.61 24.29
C VAL C 4 35.08 -8.18 24.88
N THR C 5 35.43 -6.92 24.67
CA THR C 5 36.65 -6.34 25.22
C THR C 5 36.31 -5.39 26.37
N PRO C 6 37.22 -5.25 27.36
CA PRO C 6 37.09 -4.42 28.56
C PRO C 6 36.46 -3.03 28.37
N GLY C 7 36.46 -2.51 27.14
CA GLY C 7 35.90 -1.19 26.88
C GLY C 7 34.47 -1.24 26.37
N THR C 8 33.83 -2.40 26.48
CA THR C 8 32.49 -2.59 25.96
C THR C 8 31.41 -1.91 26.82
N SER C 9 31.54 -2.07 28.13
CA SER C 9 30.56 -1.53 29.06
C SER C 9 30.40 -0.01 28.92
N GLU C 10 31.52 0.67 28.70
CA GLU C 10 31.52 2.11 28.52
C GLU C 10 31.02 2.48 27.13
N LEU C 11 31.32 1.63 26.15
CA LEU C 11 30.87 1.81 24.78
C LEU C 11 29.35 1.78 24.69
N VAL C 12 28.76 0.79 25.37
CA VAL C 12 27.31 0.60 25.35
C VAL C 12 26.56 1.79 25.91
N GLU C 13 27.02 2.30 27.05
CA GLU C 13 26.33 3.40 27.72
C GLU C 13 26.55 4.74 27.02
N GLN C 14 27.56 4.81 26.15
CA GLN C 14 27.79 6.02 25.37
C GLN C 14 26.88 6.04 24.15
N ILE C 15 26.41 4.86 23.75
CA ILE C 15 25.44 4.75 22.66
C ILE C 15 24.05 5.06 23.19
N LEU C 16 23.76 4.58 24.39
CA LEU C 16 22.46 4.83 25.03
C LEU C 16 22.32 6.29 25.43
N ALA C 17 23.46 6.96 25.65
CA ALA C 17 23.47 8.37 25.96
C ALA C 17 22.91 9.18 24.80
N LEU C 18 23.17 8.70 23.58
CA LEU C 18 22.61 9.31 22.38
C LEU C 18 21.09 9.25 22.40
N LEU C 19 20.57 8.06 22.64
CA LEU C 19 19.13 7.84 22.70
C LEU C 19 18.50 8.68 23.80
N SER C 20 19.17 8.73 24.95
CA SER C 20 18.70 9.52 26.08
C SER C 20 18.64 11.01 25.75
N ARG C 21 19.64 11.49 25.01
CA ARG C 21 19.66 12.89 24.60
C ARG C 21 18.63 13.13 23.52
N TYR C 22 18.43 12.13 22.66
CA TYR C 22 17.41 12.18 21.63
C TYR C 22 16.02 12.24 22.26
N LEU C 23 15.79 11.37 23.25
CA LEU C 23 14.51 11.32 23.94
C LEU C 23 14.26 12.60 24.74
N SER C 24 15.26 13.02 25.51
CA SER C 24 15.12 14.22 26.35
C SER C 24 14.89 15.48 25.52
N SER C 25 15.43 15.49 24.30
CA SER C 25 15.23 16.61 23.39
C SER C 25 13.77 16.78 23.04
N TYR C 26 13.09 15.67 22.77
CA TYR C 26 11.66 15.68 22.48
C TYR C 26 10.84 15.97 23.73
N ILE C 27 11.20 15.31 24.83
CA ILE C 27 10.50 15.48 26.11
C ILE C 27 10.46 16.93 26.55
N HIS C 28 11.56 17.66 26.34
CA HIS C 28 11.66 19.05 26.73
C HIS C 28 10.74 19.95 25.91
N VAL C 29 10.85 19.86 24.59
CA VAL C 29 10.08 20.74 23.71
C VAL C 29 8.59 20.41 23.72
N LEU C 30 8.26 19.14 23.93
CA LEU C 30 6.86 18.72 23.94
C LEU C 30 6.17 19.21 25.22
N ASN C 31 6.90 19.22 26.32
CA ASN C 31 6.38 19.75 27.58
C ASN C 31 6.00 21.21 27.45
N LYS C 32 6.74 21.94 26.61
CA LYS C 32 6.46 23.34 26.35
C LYS C 32 5.19 23.51 25.52
N PHE C 33 5.09 22.73 24.44
CA PHE C 33 3.95 22.80 23.55
C PHE C 33 2.66 22.42 24.28
N ILE C 34 2.71 21.34 25.04
CA ILE C 34 1.57 20.88 25.82
C ILE C 34 1.11 21.93 26.82
N SER C 35 2.07 22.58 27.47
CA SER C 35 1.78 23.64 28.43
C SER C 35 1.12 24.83 27.74
N HIS C 36 1.50 25.07 26.49
CA HIS C 36 0.94 26.16 25.72
C HIS C 36 -0.45 25.83 25.21
N LEU C 37 -0.69 24.54 24.94
CA LEU C 37 -1.97 24.11 24.38
C LEU C 37 -3.10 24.15 25.41
N ARG C 38 -2.76 24.42 26.66
CA ARG C 38 -3.77 24.63 27.70
C ARG C 38 -4.65 25.83 27.37
N ARG C 39 -4.06 26.81 26.69
CA ARG C 39 -4.75 28.05 26.39
C ARG C 39 -5.55 27.99 25.09
N VAL C 40 -5.46 26.85 24.40
CA VAL C 40 -6.24 26.62 23.20
C VAL C 40 -7.31 25.56 23.45
N ALA C 41 -8.54 26.02 23.62
CA ALA C 41 -9.65 25.14 24.02
C ALA C 41 -10.01 24.09 22.96
N THR C 42 -9.69 24.37 21.71
CA THR C 42 -10.08 23.48 20.61
C THR C 42 -9.09 22.34 20.40
N LEU C 43 -7.85 22.55 20.84
CA LEU C 43 -6.82 21.53 20.74
C LEU C 43 -6.74 20.74 22.04
N ARG C 44 -7.87 20.69 22.74
CA ARG C 44 -7.98 20.03 24.03
C ARG C 44 -7.60 18.56 23.99
N PHE C 45 -8.09 17.86 22.97
CA PHE C 45 -7.89 16.42 22.87
C PHE C 45 -6.62 16.05 22.11
N GLU C 46 -6.19 16.94 21.22
CA GLU C 46 -4.91 16.76 20.54
C GLU C 46 -3.78 16.87 21.55
N ARG C 47 -3.98 17.72 22.55
CA ARG C 47 -3.02 17.91 23.63
C ARG C 47 -2.83 16.64 24.44
N THR C 48 -3.93 15.98 24.78
CA THR C 48 -3.88 14.77 25.59
C THR C 48 -3.21 13.62 24.86
N THR C 49 -3.32 13.62 23.52
CA THR C 49 -2.64 12.63 22.70
C THR C 49 -1.14 12.79 22.83
N LEU C 50 -0.69 14.05 22.81
CA LEU C 50 0.72 14.37 22.97
C LEU C 50 1.22 13.94 24.35
N ILE C 51 0.39 14.15 25.36
CA ILE C 51 0.71 13.76 26.74
C ILE C 51 1.00 12.26 26.82
N LYS C 52 0.20 11.47 26.11
CA LYS C 52 0.39 10.03 26.06
C LYS C 52 1.74 9.69 25.44
N PHE C 53 2.12 10.45 24.40
CA PHE C 53 3.40 10.25 23.74
C PHE C 53 4.57 10.61 24.64
N VAL C 54 4.46 11.76 25.31
CA VAL C 54 5.53 12.25 26.18
C VAL C 54 5.79 11.29 27.34
N LYS C 55 4.71 10.76 27.91
CA LYS C 55 4.83 9.78 29.00
C LYS C 55 5.58 8.53 28.52
N LYS C 56 5.39 8.17 27.25
CA LYS C 56 6.08 7.03 26.66
C LYS C 56 7.57 7.33 26.52
N LEU C 57 7.89 8.49 25.96
CA LEU C 57 9.27 8.93 25.79
C LEU C 57 9.96 9.06 27.15
N ARG C 58 9.20 9.55 28.12
CA ARG C 58 9.70 9.73 29.48
C ARG C 58 10.05 8.39 30.10
N PHE C 59 9.22 7.39 29.84
CA PHE C 59 9.47 6.04 30.32
C PHE C 59 10.70 5.43 29.64
N TYR C 60 10.82 5.65 28.34
CA TYR C 60 11.96 5.15 27.57
C TYR C 60 13.26 5.78 28.06
N ASN C 61 13.18 7.04 28.46
CA ASN C 61 14.37 7.80 28.87
C ASN C 61 15.02 7.26 30.13
N ASP C 62 14.28 7.23 31.24
CA ASP C 62 14.83 6.77 32.51
C ASP C 62 14.97 5.25 32.55
N SER C 63 14.45 4.57 31.53
CA SER C 63 14.74 3.15 31.35
C SER C 63 16.18 3.02 30.89
N VAL C 64 16.58 3.89 29.98
CA VAL C 64 17.95 3.96 29.50
C VAL C 64 18.87 4.45 30.62
N LEU C 65 18.44 5.48 31.33
CA LEU C 65 19.23 6.10 32.38
C LEU C 65 19.51 5.15 33.56
N SER C 66 18.52 4.34 33.91
CA SER C 66 18.66 3.42 35.04
C SER C 66 19.36 2.13 34.63
N TYR C 67 19.59 1.97 33.33
CA TYR C 67 20.19 0.75 32.80
C TYR C 67 21.71 0.74 32.94
N ASN C 68 22.23 -0.18 33.76
CA ASN C 68 23.66 -0.36 33.90
C ASN C 68 24.13 -1.50 33.01
N ALA C 69 24.88 -1.16 31.96
CA ALA C 69 25.29 -2.13 30.95
C ALA C 69 26.18 -3.24 31.50
N SER C 70 27.01 -2.89 32.49
CA SER C 70 27.98 -3.83 33.04
C SER C 70 27.31 -5.01 33.74
N GLU C 71 26.05 -4.86 34.13
CA GLU C 71 25.31 -5.92 34.80
C GLU C 71 25.02 -7.09 33.87
N PHE C 72 25.17 -6.87 32.56
CA PHE C 72 24.82 -7.89 31.58
C PHE C 72 25.99 -8.20 30.64
N ILE C 73 27.19 -7.83 31.06
CA ILE C 73 28.39 -8.10 30.27
C ILE C 73 29.40 -8.90 31.10
N ASN C 74 29.93 -9.97 30.51
CA ASN C 74 30.87 -10.83 31.22
C ASN C 74 32.21 -10.93 30.51
N GLU C 75 33.25 -11.31 31.26
CA GLU C 75 34.60 -11.41 30.73
C GLU C 75 35.50 -12.23 31.65
N PRO C 82 38.17 -17.27 25.07
CA PRO C 82 36.85 -17.84 24.80
C PRO C 82 35.94 -17.80 26.02
N GLY C 83 34.69 -18.21 25.85
CA GLY C 83 33.74 -18.23 26.95
C GLY C 83 33.09 -16.89 27.22
N ALA C 84 33.84 -15.82 27.01
CA ALA C 84 33.33 -14.47 27.23
C ALA C 84 32.16 -14.16 26.29
N ASP C 85 31.38 -13.16 26.64
CA ASP C 85 30.22 -12.76 25.85
C ASP C 85 30.62 -12.39 24.42
N SER C 86 29.80 -12.82 23.47
CA SER C 86 29.97 -12.38 22.09
C SER C 86 29.55 -10.92 21.98
N PHE C 87 30.33 -10.13 21.24
CA PHE C 87 29.96 -8.75 20.96
C PHE C 87 28.67 -8.75 20.15
N ASP C 88 28.42 -9.88 19.50
CA ASP C 88 27.18 -10.17 18.81
C ASP C 88 25.96 -9.97 19.71
N LYS C 89 26.00 -10.59 20.88
CA LYS C 89 24.84 -10.65 21.76
C LYS C 89 24.75 -9.48 22.75
N VAL C 90 25.83 -8.73 22.88
CA VAL C 90 25.85 -7.61 23.83
C VAL C 90 25.26 -6.35 23.20
N ILE C 91 25.22 -6.33 21.87
CA ILE C 91 24.72 -5.19 21.12
C ILE C 91 23.24 -5.37 20.78
N LEU C 92 22.84 -6.63 20.61
CA LEU C 92 21.47 -6.98 20.24
C LEU C 92 20.37 -6.31 21.10
N PRO C 93 20.51 -6.34 22.45
CA PRO C 93 19.44 -5.70 23.22
C PRO C 93 19.47 -4.18 23.10
N ILE C 94 20.65 -3.61 22.87
CA ILE C 94 20.79 -2.17 22.70
C ILE C 94 20.18 -1.72 21.37
N ALA C 95 20.54 -2.42 20.30
CA ALA C 95 20.01 -2.14 18.98
C ALA C 95 18.50 -2.38 18.96
N SER C 96 18.04 -3.31 19.79
CA SER C 96 16.62 -3.57 19.94
C SER C 96 15.91 -2.37 20.56
N MET C 97 16.57 -1.75 21.54
CA MET C 97 16.03 -0.58 22.20
C MET C 97 15.90 0.60 21.23
N PHE C 98 16.87 0.73 20.34
CA PHE C 98 16.86 1.81 19.35
C PHE C 98 15.69 1.64 18.37
N VAL C 99 15.47 0.42 17.92
CA VAL C 99 14.38 0.13 16.97
C VAL C 99 13.02 0.50 17.56
N LYS C 100 12.77 0.03 18.78
CA LYS C 100 11.50 0.30 19.46
C LYS C 100 11.26 1.79 19.62
N CYS C 101 12.32 2.52 19.97
CA CYS C 101 12.23 3.97 20.15
C CYS C 101 12.06 4.68 18.81
N VAL C 102 12.82 4.26 17.81
CA VAL C 102 12.76 4.87 16.48
C VAL C 102 11.37 4.76 15.87
N GLU C 103 10.76 3.59 15.98
CA GLU C 103 9.40 3.37 15.49
C GLU C 103 8.41 4.25 16.23
N THR C 104 8.64 4.42 17.53
CA THR C 104 7.82 5.30 18.35
C THR C 104 7.98 6.75 17.91
N PHE C 105 9.21 7.13 17.61
CA PHE C 105 9.50 8.45 17.06
C PHE C 105 8.75 8.65 15.75
N ASP C 106 8.79 7.63 14.90
CA ASP C 106 8.12 7.67 13.60
C ASP C 106 6.63 7.97 13.74
N LEU C 107 5.99 7.31 14.71
CA LEU C 107 4.59 7.56 15.00
C LEU C 107 4.38 8.97 15.53
N LEU C 108 5.24 9.39 16.45
CA LEU C 108 5.15 10.72 17.04
C LEU C 108 5.48 11.80 16.02
N ASN C 109 6.53 11.57 15.23
CA ASN C 109 6.94 12.53 14.21
C ASN C 109 5.83 12.83 13.23
N TYR C 110 5.15 11.78 12.76
CA TYR C 110 4.08 11.95 11.78
C TYR C 110 2.94 12.78 12.35
N TYR C 111 2.48 12.41 13.54
CA TYR C 111 1.38 13.12 14.19
C TYR C 111 1.75 14.59 14.39
N LEU C 112 2.97 14.82 14.89
CA LEU C 112 3.43 16.17 15.22
C LEU C 112 3.73 17.02 13.98
N THR C 113 4.16 16.37 12.90
CA THR C 113 4.61 17.08 11.70
C THR C 113 3.53 17.18 10.62
N GLN C 114 2.74 16.13 10.45
CA GLN C 114 1.72 16.12 9.42
C GLN C 114 0.30 16.31 9.96
N SER C 115 -0.15 15.37 10.79
CA SER C 115 -1.53 15.34 11.25
C SER C 115 -1.92 16.54 12.10
N LEU C 116 -1.17 16.77 13.20
CA LEU C 116 -1.49 17.86 14.12
C LEU C 116 -1.32 19.22 13.47
N GLN C 117 -0.33 19.35 12.60
CA GLN C 117 -0.06 20.63 11.93
C GLN C 117 -1.23 21.04 11.03
N LYS C 118 -1.73 20.10 10.24
CA LYS C 118 -2.88 20.36 9.38
C LYS C 118 -4.14 20.59 10.20
N GLU C 119 -4.25 19.87 11.31
CA GLU C 119 -5.41 19.99 12.19
C GLU C 119 -5.42 21.37 12.88
N ILE C 120 -4.25 21.83 13.29
CA ILE C 120 -4.12 23.13 13.94
C ILE C 120 -4.54 24.26 13.00
N LEU C 121 -4.06 24.21 11.76
CA LEU C 121 -4.42 25.22 10.77
C LEU C 121 -5.88 25.13 10.38
N SER C 122 -6.44 23.92 10.45
CA SER C 122 -7.85 23.73 10.14
C SER C 122 -8.74 24.28 11.25
N LYS C 123 -8.26 24.19 12.48
CA LYS C 123 -9.01 24.65 13.64
C LYS C 123 -8.73 26.11 13.96
N THR C 124 -7.45 26.48 14.01
CA THR C 124 -7.07 27.81 14.46
C THR C 124 -6.68 28.75 13.33
N LEU C 125 -6.18 28.19 12.23
CA LEU C 125 -5.65 28.97 11.11
C LEU C 125 -4.56 29.91 11.63
N ASN C 126 -3.86 29.44 12.66
CA ASN C 126 -2.89 30.25 13.36
C ASN C 126 -1.49 29.64 13.31
N GLU C 127 -0.59 30.32 12.61
CA GLU C 127 0.75 29.78 12.37
C GLU C 127 1.71 30.05 13.52
N ASP C 128 1.19 30.61 14.61
CA ASP C 128 1.96 30.74 15.83
C ASP C 128 1.92 29.43 16.61
N LEU C 129 0.95 28.59 16.26
CA LEU C 129 0.77 27.31 16.93
C LEU C 129 1.38 26.16 16.13
N THR C 130 2.00 26.49 15.00
CA THR C 130 2.58 25.48 14.13
C THR C 130 4.10 25.48 14.19
N LEU C 131 4.70 24.36 13.80
CA LEU C 131 6.16 24.25 13.73
C LEU C 131 6.69 25.01 12.52
N THR C 132 7.93 25.49 12.62
CA THR C 132 8.58 26.12 11.49
C THR C 132 8.96 25.06 10.47
N ALA C 133 9.10 25.45 9.21
CA ALA C 133 9.50 24.53 8.16
C ALA C 133 10.91 24.00 8.42
N GLU C 134 11.72 24.83 9.08
CA GLU C 134 13.09 24.46 9.41
C GLU C 134 13.13 23.37 10.48
N SER C 135 12.25 23.48 11.46
CA SER C 135 12.19 22.52 12.56
C SER C 135 11.72 21.15 12.08
N ILE C 136 10.90 21.16 11.04
CA ILE C 136 10.40 19.92 10.46
C ILE C 136 11.50 19.20 9.69
N LEU C 137 12.30 19.97 8.96
CA LEU C 137 13.45 19.41 8.23
C LEU C 137 14.44 18.80 9.20
N ALA C 138 14.63 19.46 10.34
CA ALA C 138 15.55 18.97 11.37
C ALA C 138 15.05 17.66 11.97
N ILE C 139 13.74 17.56 12.18
CA ILE C 139 13.13 16.35 12.71
C ILE C 139 13.32 15.17 11.78
N ASP C 140 13.06 15.39 10.49
CA ASP C 140 13.24 14.35 9.49
C ASP C 140 14.72 13.95 9.38
N ASP C 141 15.60 14.94 9.37
CA ASP C 141 17.02 14.71 9.25
C ASP C 141 17.57 13.94 10.44
N THR C 142 17.13 14.32 11.64
CA THR C 142 17.54 13.66 12.87
C THR C 142 17.04 12.22 12.90
N TYR C 143 15.80 12.04 12.46
CA TYR C 143 15.18 10.71 12.43
C TYR C 143 15.90 9.79 11.45
N ASN C 144 16.13 10.27 10.24
CA ASN C 144 16.73 9.47 9.17
C ASN C 144 18.11 8.93 9.53
N HIS C 145 18.90 9.71 10.27
CA HIS C 145 20.25 9.30 10.65
C HIS C 145 20.24 8.35 11.84
N PHE C 146 19.31 8.56 12.76
CA PHE C 146 19.12 7.65 13.87
C PHE C 146 18.63 6.31 13.35
N VAL C 147 17.84 6.35 12.28
CA VAL C 147 17.41 5.14 11.60
C VAL C 147 18.60 4.45 10.95
N LYS C 148 19.40 5.22 10.22
CA LYS C 148 20.57 4.68 9.53
C LYS C 148 21.59 4.13 10.51
N PHE C 149 21.76 4.83 11.63
CA PHE C 149 22.66 4.39 12.68
C PHE C 149 22.15 3.09 13.31
N SER C 150 20.83 3.00 13.46
CA SER C 150 20.21 1.78 13.97
C SER C 150 20.43 0.62 13.02
N GLN C 151 20.11 0.83 11.75
CA GLN C 151 20.30 -0.20 10.72
C GLN C 151 21.76 -0.64 10.67
N TRP C 152 22.66 0.31 10.81
CA TRP C 152 24.09 0.02 10.78
C TRP C 152 24.51 -0.91 11.91
N MET C 153 24.06 -0.60 13.12
CA MET C 153 24.37 -1.44 14.28
C MET C 153 23.93 -2.88 14.07
N ILE C 154 22.79 -3.07 13.42
CA ILE C 154 22.25 -4.40 13.19
C ILE C 154 23.04 -5.16 12.13
N GLU C 155 23.12 -4.58 10.93
CA GLU C 155 23.68 -5.29 9.78
C GLU C 155 25.20 -5.46 9.84
N SER C 156 25.89 -4.53 10.46
CA SER C 156 27.35 -4.58 10.53
C SER C 156 27.82 -5.74 11.40
N LEU C 157 26.93 -6.22 12.27
CA LEU C 157 27.25 -7.35 13.14
C LEU C 157 26.51 -8.61 12.70
N ARG C 158 25.84 -8.52 11.54
CA ARG C 158 25.08 -9.63 10.97
C ARG C 158 24.04 -10.19 11.93
N ILE C 159 23.37 -9.32 12.67
CA ILE C 159 22.35 -9.76 13.61
C ILE C 159 20.96 -9.34 13.11
N GLY C 160 20.83 -9.21 11.80
CA GLY C 160 19.61 -8.73 11.19
C GLY C 160 18.55 -9.79 10.94
N SER C 161 17.29 -9.37 11.02
CA SER C 161 16.15 -10.23 10.73
C SER C 161 14.91 -9.38 10.49
N ASN C 162 13.78 -10.02 10.29
CA ASN C 162 12.52 -9.31 10.09
C ASN C 162 12.02 -8.67 11.38
N LEU C 163 12.55 -9.13 12.51
CA LEU C 163 12.13 -8.66 13.82
C LEU C 163 12.89 -7.39 14.22
N LEU C 164 14.03 -7.15 13.60
CA LEU C 164 14.83 -5.97 13.88
C LEU C 164 14.76 -4.97 12.73
N ASP C 165 13.84 -5.19 11.80
CA ASP C 165 13.69 -4.33 10.65
C ASP C 165 12.98 -3.02 11.00
N LEU C 166 13.43 -1.93 10.39
CA LEU C 166 12.77 -0.64 10.50
C LEU C 166 11.84 -0.46 9.30
N GLU C 167 10.65 0.09 9.55
CA GLU C 167 9.65 0.21 8.50
C GLU C 167 10.11 1.11 7.35
N VAL C 168 10.76 2.21 7.69
CA VAL C 168 11.17 3.19 6.70
C VAL C 168 12.28 2.64 5.80
N VAL C 169 13.14 1.80 6.36
CA VAL C 169 14.19 1.16 5.56
C VAL C 169 13.57 0.09 4.66
N GLN C 170 12.70 -0.71 5.24
CA GLN C 170 12.07 -1.81 4.51
C GLN C 170 11.07 -1.29 3.48
N PHE C 171 10.65 -0.04 3.63
CA PHE C 171 9.76 0.57 2.65
C PHE C 171 10.54 1.05 1.45
N ALA C 172 11.73 1.61 1.71
CA ALA C 172 12.60 2.09 0.65
C ALA C 172 13.09 0.94 -0.21
N ILE C 173 13.61 -0.11 0.44
CA ILE C 173 14.13 -1.28 -0.25
C ILE C 173 13.06 -1.98 -1.09
N LYS C 174 11.89 -2.18 -0.49
CA LYS C 174 10.80 -2.87 -1.17
C LYS C 174 10.17 -2.04 -2.30
N SER C 175 10.27 -0.73 -2.21
CA SER C 175 9.70 0.14 -3.24
C SER C 175 10.70 0.41 -4.35
N ALA C 176 11.94 0.66 -4.00
CA ALA C 176 12.96 1.03 -4.97
C ALA C 176 13.31 -0.15 -5.89
N ASP C 177 13.25 -1.37 -5.36
CA ASP C 177 13.67 -2.52 -6.14
C ASP C 177 12.58 -3.01 -7.10
N GLU C 178 11.32 -2.84 -6.71
CA GLU C 178 10.22 -3.36 -7.53
C GLU C 178 9.43 -2.24 -8.23
N ASP C 179 9.90 -1.01 -8.10
CA ASP C 179 9.27 0.12 -8.81
C ASP C 179 10.30 1.04 -9.46
N GLY C 180 11.51 1.08 -8.89
CA GLY C 180 12.55 1.95 -9.40
C GLY C 180 13.79 1.20 -9.83
N THR C 186 23.45 4.87 -4.61
CA THR C 186 22.21 5.64 -4.64
C THR C 186 22.22 6.71 -3.55
N ASP C 187 21.72 7.89 -3.88
CA ASP C 187 21.72 9.02 -2.96
C ASP C 187 20.81 8.84 -1.75
N ASN C 188 19.93 7.84 -1.80
CA ASN C 188 19.05 7.53 -0.68
C ASN C 188 19.77 6.67 0.36
N ILE C 189 19.92 7.21 1.57
CA ILE C 189 20.69 6.55 2.62
C ILE C 189 20.10 5.20 3.04
N PHE C 190 18.80 5.05 2.89
CA PHE C 190 18.13 3.81 3.27
C PHE C 190 18.50 2.67 2.33
N LEU C 191 18.79 3.02 1.07
CA LEU C 191 19.14 2.02 0.06
C LEU C 191 20.61 1.62 0.14
N GLN C 192 21.45 2.54 0.61
CA GLN C 192 22.88 2.31 0.70
C GLN C 192 23.20 1.15 1.63
N GLU C 193 24.12 0.28 1.20
CA GLU C 193 24.42 -0.96 1.91
C GLU C 193 25.31 -0.73 3.13
N ILE C 194 25.14 -1.59 4.13
CA ILE C 194 25.98 -1.55 5.33
C ILE C 194 27.18 -2.48 5.17
N LEU C 195 28.37 -1.98 5.52
CA LEU C 195 29.58 -2.79 5.48
C LEU C 195 29.73 -3.60 6.76
N PRO C 196 30.22 -4.84 6.64
CA PRO C 196 30.41 -5.71 7.81
C PRO C 196 31.55 -5.25 8.70
N VAL C 197 31.38 -5.39 10.01
CA VAL C 197 32.40 -5.03 10.98
C VAL C 197 33.23 -6.25 11.35
N ASN C 198 34.55 -6.10 11.33
CA ASN C 198 35.45 -7.24 11.54
C ASN C 198 36.08 -7.29 12.93
N SER C 199 35.83 -6.26 13.74
CA SER C 199 36.36 -6.22 15.11
C SER C 199 35.65 -5.16 15.93
N GLU C 200 35.62 -5.32 17.25
CA GLU C 200 35.00 -4.34 18.13
C GLU C 200 35.73 -3.01 18.04
N GLU C 201 37.04 -3.07 17.80
CA GLU C 201 37.84 -1.87 17.59
C GLU C 201 37.31 -1.06 16.41
N GLU C 202 36.99 -1.76 15.32
CA GLU C 202 36.42 -1.10 14.16
C GLU C 202 35.02 -0.58 14.48
N PHE C 203 34.28 -1.36 15.27
CA PHE C 203 32.94 -0.96 15.67
C PHE C 203 32.96 0.28 16.54
N GLN C 204 33.81 0.27 17.57
CA GLN C 204 33.93 1.40 18.48
C GLN C 204 34.32 2.68 17.76
N THR C 205 35.23 2.56 16.81
CA THR C 205 35.66 3.71 16.03
C THR C 205 34.54 4.24 15.14
N LEU C 206 33.86 3.33 14.44
CA LEU C 206 32.77 3.70 13.56
C LEU C 206 31.56 4.19 14.37
N SER C 207 31.34 3.60 15.53
CA SER C 207 30.26 4.02 16.41
C SER C 207 30.54 5.40 16.99
N ALA C 208 31.82 5.72 17.14
CA ALA C 208 32.23 7.02 17.62
C ALA C 208 31.95 8.10 16.56
N ALA C 209 32.16 7.73 15.30
CA ALA C 209 31.88 8.63 14.19
C ALA C 209 30.38 8.93 14.12
N TRP C 210 29.57 7.90 14.31
CA TRP C 210 28.12 8.05 14.37
C TRP C 210 27.71 8.93 15.54
N HIS C 211 28.42 8.77 16.66
CA HIS C 211 28.14 9.53 17.87
C HIS C 211 28.28 11.03 17.62
N SER C 212 29.31 11.39 16.86
CA SER C 212 29.56 12.78 16.49
C SER C 212 28.52 13.30 15.52
N ILE C 213 28.18 12.48 14.53
CA ILE C 213 27.20 12.86 13.51
C ILE C 213 25.82 13.10 14.11
N LEU C 214 25.39 12.18 14.97
CA LEU C 214 24.06 12.26 15.58
C LEU C 214 23.97 13.42 16.57
N ASP C 215 25.06 13.71 17.27
CA ASP C 215 25.10 14.83 18.20
C ASP C 215 24.97 16.15 17.47
N GLY C 216 25.52 16.19 16.25
CA GLY C 216 25.39 17.37 15.41
C GLY C 216 23.95 17.56 14.96
N LYS C 217 23.31 16.45 14.60
CA LYS C 217 21.90 16.47 14.24
C LYS C 217 21.04 16.83 15.44
N LEU C 218 21.40 16.30 16.60
CA LEU C 218 20.70 16.61 17.84
C LEU C 218 20.88 18.08 18.21
N GLY C 219 22.02 18.65 17.85
CA GLY C 219 22.31 20.05 18.13
C GLY C 219 21.47 20.98 17.29
N ALA C 220 21.25 20.61 16.03
CA ALA C 220 20.41 21.40 15.14
C ALA C 220 18.95 21.30 15.54
N LEU C 221 18.57 20.15 16.09
CA LEU C 221 17.20 19.93 16.53
C LEU C 221 16.88 20.76 17.76
N ASP C 222 17.84 20.87 18.67
CA ASP C 222 17.67 21.68 19.88
C ASP C 222 17.51 23.16 19.55
N GLU C 223 18.31 23.63 18.60
CA GLU C 223 18.29 25.04 18.20
C GLU C 223 16.99 25.42 17.52
N GLU C 224 16.53 24.56 16.61
CA GLU C 224 15.28 24.82 15.88
C GLU C 224 14.06 24.75 16.79
N PHE C 225 14.15 23.94 17.83
CA PHE C 225 13.05 23.82 18.79
C PHE C 225 12.92 25.07 19.63
N ASP C 226 14.05 25.67 19.97
CA ASP C 226 14.08 26.86 20.81
C ASP C 226 13.44 28.06 20.13
N VAL C 227 13.58 28.13 18.80
CA VAL C 227 13.06 29.26 18.06
C VAL C 227 11.57 29.05 17.76
N VAL C 228 11.13 27.80 17.85
CA VAL C 228 9.71 27.47 17.71
C VAL C 228 8.97 27.76 19.01
N ALA C 229 9.62 27.47 20.13
CA ALA C 229 9.06 27.73 21.45
C ALA C 229 8.96 29.24 21.70
N THR C 230 9.68 30.01 20.90
CA THR C 230 9.64 31.48 20.99
C THR C 230 8.26 32.00 20.62
N LYS C 231 7.65 31.41 19.59
CA LYS C 231 6.32 31.81 19.13
C LYS C 231 5.27 31.72 20.24
N TRP C 232 5.44 30.76 21.14
CA TRP C 232 4.39 30.42 22.09
C TRP C 232 4.35 31.36 23.30
N HIS C 233 5.37 31.28 24.16
CA HIS C 233 5.45 32.05 25.40
C HIS C 233 4.12 32.20 26.13
N ASP D 1 -21.38 27.34 -20.12
CA ASP D 1 -21.38 26.23 -21.08
C ASP D 1 -20.71 26.64 -22.39
N ILE D 2 -20.12 25.67 -23.08
CA ILE D 2 -19.41 25.93 -24.32
C ILE D 2 -19.92 25.05 -25.46
N LYS D 3 -20.28 25.67 -26.57
CA LYS D 3 -20.69 24.94 -27.77
C LYS D 3 -19.50 24.78 -28.72
N VAL D 4 -19.67 23.95 -29.75
CA VAL D 4 -18.58 23.63 -30.66
C VAL D 4 -18.45 24.65 -31.79
N THR D 5 -17.25 24.70 -32.39
CA THR D 5 -16.97 25.56 -33.53
C THR D 5 -16.68 24.68 -34.75
N PRO D 6 -16.80 25.24 -35.96
CA PRO D 6 -16.51 24.49 -37.19
C PRO D 6 -15.11 23.87 -37.22
N GLY D 7 -14.20 24.38 -36.40
CA GLY D 7 -12.84 23.86 -36.37
C GLY D 7 -12.60 22.86 -35.25
N THR D 8 -13.67 22.35 -34.68
CA THR D 8 -13.58 21.39 -33.58
C THR D 8 -13.24 19.99 -34.06
N SER D 9 -13.93 19.55 -35.10
CA SER D 9 -13.73 18.21 -35.66
C SER D 9 -12.28 18.00 -36.10
N GLU D 10 -11.64 19.07 -36.54
CA GLU D 10 -10.24 19.01 -36.94
C GLU D 10 -9.35 18.96 -35.70
N LEU D 11 -9.76 19.65 -34.64
CA LEU D 11 -9.02 19.67 -33.39
C LEU D 11 -8.99 18.29 -32.75
N VAL D 12 -10.09 17.56 -32.88
CA VAL D 12 -10.20 16.21 -32.35
C VAL D 12 -9.24 15.26 -33.07
N GLU D 13 -9.20 15.36 -34.39
CA GLU D 13 -8.34 14.50 -35.21
C GLU D 13 -6.86 14.74 -34.90
N GLN D 14 -6.51 15.99 -34.62
CA GLN D 14 -5.13 16.36 -34.30
C GLN D 14 -4.69 15.73 -32.98
N ILE D 15 -5.59 15.73 -31.99
CA ILE D 15 -5.31 15.16 -30.69
C ILE D 15 -5.17 13.64 -30.78
N LEU D 16 -6.06 13.03 -31.55
CA LEU D 16 -6.03 11.58 -31.75
C LEU D 16 -4.76 11.14 -32.50
N ALA D 17 -4.22 12.06 -33.30
CA ALA D 17 -2.98 11.78 -34.03
C ALA D 17 -1.82 11.56 -33.07
N LEU D 18 -1.84 12.28 -31.95
CA LEU D 18 -0.82 12.11 -30.91
C LEU D 18 -0.86 10.70 -30.35
N LEU D 19 -2.07 10.24 -30.02
CA LEU D 19 -2.26 8.91 -29.44
C LEU D 19 -1.84 7.82 -30.41
N SER D 20 -2.17 8.00 -31.69
CA SER D 20 -1.77 7.08 -32.73
C SER D 20 -0.25 7.03 -32.86
N ARG D 21 0.36 8.21 -32.85
CA ARG D 21 1.82 8.31 -32.89
C ARG D 21 2.44 7.67 -31.64
N TYR D 22 1.75 7.84 -30.51
CA TYR D 22 2.18 7.22 -29.25
C TYR D 22 2.12 5.69 -29.36
N LEU D 23 1.01 5.20 -29.86
CA LEU D 23 0.79 3.76 -30.02
C LEU D 23 1.71 3.15 -31.06
N SER D 24 1.84 3.84 -32.19
CA SER D 24 2.61 3.33 -33.33
C SER D 24 4.10 3.19 -33.01
N SER D 25 4.59 4.04 -32.12
CA SER D 25 5.99 4.00 -31.72
C SER D 25 6.28 2.76 -30.89
N TYR D 26 5.36 2.43 -29.99
CA TYR D 26 5.46 1.23 -29.18
C TYR D 26 5.36 -0.04 -30.04
N ILE D 27 4.35 -0.06 -30.91
CA ILE D 27 4.10 -1.21 -31.77
C ILE D 27 5.31 -1.50 -32.67
N HIS D 28 5.97 -0.43 -33.10
CA HIS D 28 7.11 -0.56 -34.00
C HIS D 28 8.31 -1.19 -33.29
N VAL D 29 8.61 -0.71 -32.08
CA VAL D 29 9.79 -1.17 -31.37
C VAL D 29 9.56 -2.51 -30.67
N LEU D 30 8.30 -2.82 -30.35
CA LEU D 30 7.99 -4.08 -29.70
C LEU D 30 8.03 -5.24 -30.70
N ASN D 31 7.57 -4.98 -31.92
CA ASN D 31 7.61 -5.97 -32.98
C ASN D 31 9.04 -6.44 -33.26
N LYS D 32 9.98 -5.51 -33.16
CA LYS D 32 11.40 -5.84 -33.31
C LYS D 32 11.86 -6.71 -32.15
N PHE D 33 11.46 -6.34 -30.94
CA PHE D 33 11.84 -7.06 -29.74
C PHE D 33 11.22 -8.46 -29.73
N ILE D 34 9.93 -8.54 -30.07
CA ILE D 34 9.22 -9.81 -30.16
C ILE D 34 9.87 -10.71 -31.20
N SER D 35 10.26 -10.12 -32.34
CA SER D 35 10.91 -10.87 -33.39
C SER D 35 12.29 -11.37 -32.96
N HIS D 36 12.94 -10.60 -32.09
CA HIS D 36 14.28 -10.94 -31.63
C HIS D 36 14.24 -11.97 -30.50
N LEU D 37 13.19 -11.92 -29.68
CA LEU D 37 13.04 -12.85 -28.57
C LEU D 37 12.73 -14.25 -29.07
N ARG D 38 12.47 -14.38 -30.36
CA ARG D 38 12.25 -15.66 -30.99
C ARG D 38 13.55 -16.47 -31.01
N ARG D 39 14.67 -15.75 -30.90
CA ARG D 39 15.98 -16.38 -30.80
C ARG D 39 16.22 -16.93 -29.40
N VAL D 40 15.80 -16.17 -28.39
CA VAL D 40 16.01 -16.56 -27.00
C VAL D 40 14.95 -17.57 -26.56
N ALA D 41 15.40 -18.80 -26.33
CA ALA D 41 14.48 -19.91 -26.02
C ALA D 41 13.81 -19.76 -24.66
N THR D 42 14.52 -19.23 -23.68
CA THR D 42 14.01 -19.19 -22.32
C THR D 42 13.05 -18.01 -22.07
N LEU D 43 12.87 -17.17 -23.07
CA LEU D 43 11.93 -16.05 -22.96
C LEU D 43 10.72 -16.30 -23.85
N ARG D 44 10.37 -17.56 -24.01
CA ARG D 44 9.28 -17.97 -24.89
C ARG D 44 7.92 -17.47 -24.41
N PHE D 45 7.69 -17.52 -23.11
CA PHE D 45 6.39 -17.16 -22.54
C PHE D 45 6.27 -15.66 -22.29
N GLU D 46 7.40 -15.04 -21.97
CA GLU D 46 7.43 -13.58 -21.82
C GLU D 46 7.17 -12.93 -23.17
N ARG D 47 7.63 -13.59 -24.23
CA ARG D 47 7.45 -13.09 -25.58
C ARG D 47 5.98 -13.06 -25.96
N THR D 48 5.25 -14.11 -25.58
CA THR D 48 3.84 -14.22 -25.93
C THR D 48 2.98 -13.29 -25.07
N THR D 49 3.56 -12.79 -23.98
CA THR D 49 2.90 -11.78 -23.16
C THR D 49 2.94 -10.44 -23.89
N LEU D 50 4.09 -10.15 -24.50
CA LEU D 50 4.27 -8.93 -25.28
C LEU D 50 3.42 -8.96 -26.53
N ILE D 51 3.26 -10.15 -27.12
CA ILE D 51 2.41 -10.32 -28.29
C ILE D 51 0.97 -9.94 -27.95
N LYS D 52 0.53 -10.28 -26.75
CA LYS D 52 -0.82 -9.95 -26.31
C LYS D 52 -0.97 -8.45 -26.11
N PHE D 53 0.08 -7.81 -25.58
CA PHE D 53 0.08 -6.37 -25.37
C PHE D 53 0.08 -5.61 -26.69
N VAL D 54 0.88 -6.09 -27.64
CA VAL D 54 0.98 -5.45 -28.95
C VAL D 54 -0.34 -5.54 -29.71
N LYS D 55 -0.97 -6.72 -29.66
CA LYS D 55 -2.28 -6.93 -30.27
C LYS D 55 -3.29 -5.93 -29.73
N LYS D 56 -3.18 -5.63 -28.43
CA LYS D 56 -4.04 -4.65 -27.80
C LYS D 56 -3.77 -3.25 -28.33
N LEU D 57 -2.49 -2.92 -28.46
CA LEU D 57 -2.07 -1.61 -28.96
C LEU D 57 -2.38 -1.46 -30.43
N ARG D 58 -2.32 -2.58 -31.17
CA ARG D 58 -2.72 -2.59 -32.57
C ARG D 58 -4.19 -2.22 -32.69
N PHE D 59 -5.02 -2.85 -31.87
CA PHE D 59 -6.45 -2.60 -31.87
C PHE D 59 -6.79 -1.16 -31.49
N TYR D 60 -6.12 -0.64 -30.46
CA TYR D 60 -6.32 0.73 -30.05
C TYR D 60 -5.95 1.71 -31.16
N ASN D 61 -4.85 1.43 -31.84
CA ASN D 61 -4.31 2.31 -32.86
C ASN D 61 -5.25 2.49 -34.05
N ASP D 62 -5.64 1.40 -34.68
CA ASP D 62 -6.50 1.47 -35.86
C ASP D 62 -7.96 1.67 -35.50
N SER D 63 -8.25 1.73 -34.20
CA SER D 63 -9.56 2.17 -33.73
C SER D 63 -9.60 3.67 -33.78
N VAL D 64 -8.46 4.27 -33.45
CA VAL D 64 -8.29 5.72 -33.52
C VAL D 64 -8.23 6.18 -34.97
N LEU D 65 -7.53 5.41 -35.80
CA LEU D 65 -7.39 5.72 -37.22
C LEU D 65 -8.73 5.60 -37.95
N SER D 66 -9.49 4.58 -37.61
CA SER D 66 -10.79 4.35 -38.26
C SER D 66 -11.81 5.41 -37.83
N TYR D 67 -11.61 5.98 -36.65
CA TYR D 67 -12.54 6.94 -36.08
C TYR D 67 -12.61 8.23 -36.91
N ASN D 68 -13.81 8.58 -37.34
CA ASN D 68 -14.06 9.83 -38.06
C ASN D 68 -14.80 10.82 -37.18
N ALA D 69 -14.11 11.87 -36.76
CA ALA D 69 -14.64 12.81 -35.76
C ALA D 69 -15.85 13.61 -36.26
N SER D 70 -15.91 13.85 -37.56
CA SER D 70 -17.00 14.63 -38.14
C SER D 70 -18.34 13.91 -38.05
N GLU D 71 -18.28 12.60 -37.86
CA GLU D 71 -19.48 11.77 -37.78
C GLU D 71 -20.21 11.98 -36.45
N PHE D 72 -19.46 12.36 -35.42
CA PHE D 72 -20.03 12.47 -34.08
C PHE D 72 -20.07 13.90 -33.57
N ILE D 73 -20.05 14.87 -34.50
CA ILE D 73 -20.11 16.28 -34.14
C ILE D 73 -21.13 17.02 -35.01
N ASN D 74 -21.99 17.81 -34.38
CA ASN D 74 -23.06 18.51 -35.09
C ASN D 74 -23.00 20.03 -34.92
N GLU D 75 -23.06 20.75 -36.03
CA GLU D 75 -23.13 22.20 -36.02
C GLU D 75 -23.62 22.74 -37.37
N ALA D 84 -27.18 22.90 -30.01
CA ALA D 84 -26.13 22.17 -30.70
C ALA D 84 -25.32 21.31 -29.73
N ASP D 85 -24.25 20.72 -30.22
CA ASP D 85 -23.39 19.88 -29.40
C ASP D 85 -22.47 20.71 -28.53
N SER D 86 -22.49 20.44 -27.22
CA SER D 86 -21.57 21.10 -26.30
C SER D 86 -20.15 20.60 -26.56
N PHE D 87 -19.16 21.41 -26.22
CA PHE D 87 -17.77 21.06 -26.53
C PHE D 87 -17.25 19.97 -25.60
N ASP D 88 -17.74 19.95 -24.36
CA ASP D 88 -17.31 18.93 -23.41
C ASP D 88 -17.96 17.58 -23.73
N LYS D 89 -19.00 17.62 -24.58
CA LYS D 89 -19.67 16.40 -25.01
C LYS D 89 -18.80 15.58 -25.95
N VAL D 90 -18.11 16.27 -26.86
CA VAL D 90 -17.32 15.59 -27.88
C VAL D 90 -15.91 15.23 -27.40
N ILE D 91 -15.48 15.88 -26.33
CA ILE D 91 -14.15 15.64 -25.77
C ILE D 91 -14.17 14.42 -24.85
N LEU D 92 -15.29 14.23 -24.15
CA LEU D 92 -15.45 13.12 -23.21
C LEU D 92 -15.11 11.74 -23.80
N PRO D 93 -15.61 11.41 -25.00
CA PRO D 93 -15.23 10.10 -25.54
C PRO D 93 -13.75 10.05 -25.95
N ILE D 94 -13.20 11.20 -26.33
CA ILE D 94 -11.78 11.28 -26.68
C ILE D 94 -10.91 11.12 -25.45
N ALA D 95 -11.27 11.85 -24.40
CA ALA D 95 -10.57 11.74 -23.12
C ALA D 95 -10.72 10.33 -22.56
N SER D 96 -11.87 9.72 -22.81
CA SER D 96 -12.13 8.34 -22.40
C SER D 96 -11.15 7.38 -23.06
N MET D 97 -10.94 7.57 -24.36
CA MET D 97 -10.02 6.72 -25.13
C MET D 97 -8.59 6.87 -24.61
N PHE D 98 -8.21 8.10 -24.29
CA PHE D 98 -6.87 8.39 -23.78
C PHE D 98 -6.61 7.69 -22.46
N VAL D 99 -7.55 7.81 -21.53
CA VAL D 99 -7.42 7.20 -20.22
C VAL D 99 -7.22 5.68 -20.32
N LYS D 100 -8.08 5.04 -21.12
CA LYS D 100 -8.00 3.60 -21.33
C LYS D 100 -6.66 3.18 -21.92
N CYS D 101 -6.19 3.96 -22.90
CA CYS D 101 -4.90 3.69 -23.53
C CYS D 101 -3.75 3.92 -22.56
N VAL D 102 -3.83 5.00 -21.80
CA VAL D 102 -2.78 5.35 -20.85
C VAL D 102 -2.59 4.28 -19.78
N GLU D 103 -3.69 3.83 -19.19
CA GLU D 103 -3.64 2.80 -18.17
C GLU D 103 -3.10 1.48 -18.72
N THR D 104 -3.36 1.24 -20.00
CA THR D 104 -2.82 0.08 -20.68
C THR D 104 -1.31 0.24 -20.84
N PHE D 105 -0.88 1.47 -21.17
CA PHE D 105 0.54 1.77 -21.25
C PHE D 105 1.22 1.56 -19.91
N ASP D 106 0.57 2.05 -18.85
CA ASP D 106 1.07 1.89 -17.48
C ASP D 106 1.33 0.43 -17.14
N LEU D 107 0.39 -0.43 -17.54
CA LEU D 107 0.53 -1.87 -17.33
C LEU D 107 1.66 -2.43 -18.18
N LEU D 108 1.69 -2.03 -19.44
CA LEU D 108 2.73 -2.47 -20.36
C LEU D 108 4.10 -1.97 -19.94
N ASN D 109 4.15 -0.71 -19.52
CA ASN D 109 5.41 -0.11 -19.09
C ASN D 109 6.05 -0.89 -17.94
N TYR D 110 5.27 -1.16 -16.89
CA TYR D 110 5.80 -1.83 -15.72
C TYR D 110 6.35 -3.22 -16.05
N TYR D 111 5.58 -3.98 -16.82
CA TYR D 111 6.02 -5.31 -17.23
C TYR D 111 7.33 -5.21 -18.02
N LEU D 112 7.33 -4.38 -19.04
CA LEU D 112 8.48 -4.21 -19.92
C LEU D 112 9.68 -3.58 -19.21
N THR D 113 9.46 -2.44 -18.56
CA THR D 113 10.53 -1.67 -17.95
C THR D 113 11.05 -2.29 -16.63
N GLN D 114 10.14 -2.84 -15.83
CA GLN D 114 10.53 -3.32 -14.51
C GLN D 114 10.56 -4.85 -14.41
N SER D 115 9.41 -5.47 -14.58
CA SER D 115 9.26 -6.91 -14.33
C SER D 115 10.06 -7.77 -15.31
N LEU D 116 10.04 -7.42 -16.59
CA LEU D 116 10.73 -8.22 -17.60
C LEU D 116 12.24 -8.00 -17.59
N GLN D 117 12.65 -6.76 -17.36
CA GLN D 117 14.07 -6.40 -17.35
C GLN D 117 14.82 -7.14 -16.26
N LYS D 118 14.14 -7.40 -15.15
CA LYS D 118 14.72 -8.17 -14.06
C LYS D 118 14.72 -9.65 -14.38
N GLU D 119 13.70 -10.10 -15.12
CA GLU D 119 13.60 -11.50 -15.52
C GLU D 119 14.66 -11.87 -16.55
N ILE D 120 14.92 -10.95 -17.48
CA ILE D 120 15.89 -11.18 -18.54
C ILE D 120 17.31 -11.35 -17.97
N LEU D 121 17.66 -10.47 -17.03
CA LEU D 121 18.98 -10.55 -16.38
C LEU D 121 19.09 -11.79 -15.50
N SER D 122 17.99 -12.15 -14.84
CA SER D 122 17.96 -13.32 -13.98
C SER D 122 18.04 -14.60 -14.80
N LYS D 123 17.58 -14.54 -16.04
CA LYS D 123 17.54 -15.72 -16.90
C LYS D 123 18.76 -15.85 -17.80
N THR D 124 19.25 -14.73 -18.31
CA THR D 124 20.30 -14.77 -19.34
C THR D 124 21.56 -13.98 -18.98
N LEU D 125 21.44 -13.05 -18.04
CA LEU D 125 22.52 -12.12 -17.71
C LEU D 125 22.98 -11.33 -18.93
N ASN D 126 22.13 -11.26 -19.94
CA ASN D 126 22.46 -10.59 -21.19
C ASN D 126 21.94 -9.17 -21.22
N GLU D 127 22.85 -8.21 -21.27
CA GLU D 127 22.46 -6.80 -21.20
C GLU D 127 22.13 -6.25 -22.60
N ASP D 128 22.31 -7.07 -23.62
CA ASP D 128 21.89 -6.70 -24.96
C ASP D 128 20.37 -6.83 -25.10
N LEU D 129 19.78 -7.73 -24.32
CA LEU D 129 18.35 -7.95 -24.33
C LEU D 129 17.62 -6.97 -23.42
N THR D 130 18.40 -6.20 -22.64
CA THR D 130 17.82 -5.26 -21.70
C THR D 130 17.81 -3.84 -22.26
N LEU D 131 16.76 -3.09 -21.91
CA LEU D 131 16.64 -1.70 -22.32
C LEU D 131 17.71 -0.84 -21.68
N THR D 132 18.14 0.20 -22.38
CA THR D 132 19.09 1.16 -21.82
C THR D 132 18.39 2.03 -20.79
N ALA D 133 19.17 2.65 -19.91
CA ALA D 133 18.63 3.54 -18.89
C ALA D 133 18.00 4.77 -19.55
N GLU D 134 18.52 5.13 -20.72
CA GLU D 134 18.02 6.28 -21.47
C GLU D 134 16.60 6.02 -21.97
N SER D 135 16.38 4.83 -22.51
CA SER D 135 15.07 4.45 -23.04
C SER D 135 14.00 4.42 -21.95
N ILE D 136 14.36 3.84 -20.82
CA ILE D 136 13.46 3.76 -19.66
C ILE D 136 13.05 5.16 -19.19
N LEU D 137 14.02 6.07 -19.17
CA LEU D 137 13.76 7.46 -18.82
C LEU D 137 12.83 8.11 -19.84
N ALA D 138 12.99 7.72 -21.10
CA ALA D 138 12.13 8.20 -22.17
C ALA D 138 10.73 7.61 -22.05
N ILE D 139 10.65 6.38 -21.57
CA ILE D 139 9.38 5.71 -21.33
C ILE D 139 8.58 6.47 -20.28
N ASP D 140 9.22 6.77 -19.15
CA ASP D 140 8.56 7.48 -18.05
C ASP D 140 8.18 8.90 -18.42
N ASP D 141 9.13 9.63 -19.00
CA ASP D 141 8.93 11.04 -19.33
C ASP D 141 7.79 11.23 -20.34
N THR D 142 7.70 10.33 -21.31
CA THR D 142 6.63 10.36 -22.30
C THR D 142 5.30 10.00 -21.64
N TYR D 143 5.35 9.01 -20.76
CA TYR D 143 4.17 8.55 -20.03
C TYR D 143 3.58 9.67 -19.17
N ASN D 144 4.44 10.30 -18.37
CA ASN D 144 4.02 11.35 -17.44
C ASN D 144 3.29 12.50 -18.12
N HIS D 145 3.79 12.90 -19.29
CA HIS D 145 3.22 14.05 -19.99
C HIS D 145 1.94 13.69 -20.76
N PHE D 146 1.83 12.43 -21.18
CA PHE D 146 0.60 11.95 -21.80
C PHE D 146 -0.47 11.76 -20.73
N VAL D 147 -0.03 11.46 -19.52
CA VAL D 147 -0.92 11.35 -18.38
C VAL D 147 -1.42 12.74 -17.98
N LYS D 148 -0.50 13.70 -17.88
CA LYS D 148 -0.83 15.06 -17.51
C LYS D 148 -1.72 15.72 -18.57
N PHE D 149 -1.48 15.38 -19.83
CA PHE D 149 -2.29 15.87 -20.92
C PHE D 149 -3.71 15.34 -20.81
N SER D 150 -3.83 14.08 -20.40
CA SER D 150 -5.12 13.46 -20.19
C SER D 150 -5.86 14.12 -19.04
N GLN D 151 -5.14 14.39 -17.95
CA GLN D 151 -5.74 15.04 -16.79
C GLN D 151 -6.18 16.46 -17.13
N TRP D 152 -5.45 17.11 -18.04
CA TRP D 152 -5.79 18.47 -18.43
C TRP D 152 -7.05 18.51 -19.29
N MET D 153 -7.15 17.59 -20.24
CA MET D 153 -8.31 17.53 -21.13
C MET D 153 -9.61 17.32 -20.34
N ILE D 154 -9.51 16.60 -19.24
CA ILE D 154 -10.69 16.24 -18.46
C ILE D 154 -11.08 17.31 -17.44
N GLU D 155 -10.11 17.80 -16.68
CA GLU D 155 -10.39 18.72 -15.58
C GLU D 155 -10.63 20.15 -16.05
N SER D 156 -10.01 20.55 -17.15
CA SER D 156 -10.17 21.92 -17.65
C SER D 156 -11.58 22.15 -18.17
N LEU D 157 -12.23 21.09 -18.63
CA LEU D 157 -13.60 21.17 -19.11
C LEU D 157 -14.58 20.73 -18.04
N ARG D 158 -14.06 20.45 -16.85
CA ARG D 158 -14.85 20.04 -15.69
C ARG D 158 -15.68 18.79 -15.95
N ILE D 159 -15.14 17.85 -16.71
CA ILE D 159 -15.80 16.57 -16.92
C ILE D 159 -15.10 15.49 -16.08
N GLY D 160 -14.47 15.92 -14.99
CA GLY D 160 -13.73 15.02 -14.12
C GLY D 160 -14.60 14.25 -13.14
N SER D 161 -14.30 12.97 -13.00
CA SER D 161 -14.99 12.11 -12.06
C SER D 161 -14.11 10.94 -11.66
N ASN D 162 -14.59 10.11 -10.74
CA ASN D 162 -13.84 8.93 -10.30
C ASN D 162 -13.70 7.91 -11.43
N LEU D 163 -14.60 7.99 -12.41
CA LEU D 163 -14.59 7.07 -13.53
C LEU D 163 -13.55 7.47 -14.58
N LEU D 164 -13.05 8.70 -14.47
CA LEU D 164 -12.05 9.21 -15.42
C LEU D 164 -10.75 9.55 -14.71
N ASP D 165 -10.57 9.02 -13.51
CA ASP D 165 -9.34 9.23 -12.76
C ASP D 165 -8.22 8.35 -13.28
N LEU D 166 -7.01 8.89 -13.30
CA LEU D 166 -5.82 8.14 -13.63
C LEU D 166 -5.14 7.69 -12.34
N GLU D 167 -4.77 6.42 -12.25
CA GLU D 167 -4.24 5.86 -11.01
C GLU D 167 -3.01 6.59 -10.51
N VAL D 168 -2.06 6.81 -11.41
CA VAL D 168 -0.79 7.46 -11.06
C VAL D 168 -1.02 8.89 -10.62
N VAL D 169 -2.08 9.52 -11.13
CA VAL D 169 -2.45 10.86 -10.70
C VAL D 169 -3.05 10.78 -9.30
N GLN D 170 -4.01 9.89 -9.13
CA GLN D 170 -4.72 9.76 -7.87
C GLN D 170 -3.81 9.22 -6.77
N PHE D 171 -2.83 8.41 -7.14
CA PHE D 171 -1.87 7.87 -6.18
C PHE D 171 -0.95 8.96 -5.66
N ALA D 172 -0.63 9.90 -6.55
CA ALA D 172 0.23 11.03 -6.18
C ALA D 172 -0.49 11.94 -5.17
N ILE D 173 -1.74 12.23 -5.45
CA ILE D 173 -2.55 13.09 -4.58
C ILE D 173 -2.82 12.40 -3.24
N LYS D 174 -3.09 11.11 -3.29
CA LYS D 174 -3.35 10.33 -2.08
C LYS D 174 -2.12 10.28 -1.19
N SER D 175 -0.94 10.21 -1.80
CA SER D 175 0.30 10.10 -1.06
C SER D 175 0.74 11.44 -0.48
N ALA D 176 0.46 12.52 -1.21
CA ALA D 176 0.81 13.86 -0.76
C ALA D 176 -0.01 14.26 0.46
N ASP D 177 -1.25 13.78 0.50
CA ASP D 177 -2.14 14.04 1.63
C ASP D 177 -1.77 13.19 2.84
N GLU D 178 -1.18 12.03 2.59
CA GLU D 178 -0.87 11.09 3.66
C GLU D 178 0.58 11.17 4.12
N ASP D 179 1.45 11.77 3.32
CA ASP D 179 2.87 11.81 3.66
C ASP D 179 3.53 13.14 3.29
N GLY D 180 3.23 13.63 2.09
CA GLY D 180 3.84 14.85 1.58
C GLY D 180 3.54 16.07 2.41
N THR D 186 4.32 19.69 -4.93
CA THR D 186 4.47 21.01 -5.52
C THR D 186 5.52 20.99 -6.64
N ASP D 187 6.39 19.99 -6.60
CA ASP D 187 7.42 19.83 -7.63
C ASP D 187 7.08 18.65 -8.53
N ASN D 188 6.00 17.94 -8.17
CA ASN D 188 5.55 16.80 -8.93
C ASN D 188 4.53 17.20 -9.99
N ILE D 189 4.69 16.66 -11.19
CA ILE D 189 3.80 16.98 -12.32
C ILE D 189 2.34 16.67 -12.00
N PHE D 190 2.11 15.55 -11.32
CA PHE D 190 0.76 15.07 -11.08
C PHE D 190 0.02 15.84 -9.99
N LEU D 191 0.76 16.43 -9.06
CA LEU D 191 0.15 17.12 -7.91
C LEU D 191 -0.41 18.48 -8.27
N GLN D 192 0.20 19.14 -9.26
CA GLN D 192 -0.18 20.50 -9.63
C GLN D 192 -1.59 20.56 -10.23
N GLU D 193 -2.42 21.44 -9.68
CA GLU D 193 -3.82 21.53 -10.08
C GLU D 193 -4.00 22.11 -11.48
N ILE D 194 -5.16 21.86 -12.08
CA ILE D 194 -5.44 22.25 -13.45
C ILE D 194 -6.35 23.48 -13.54
N LEU D 195 -5.96 24.43 -14.39
CA LEU D 195 -6.78 25.61 -14.63
C LEU D 195 -7.96 25.28 -15.53
N PRO D 196 -9.12 25.90 -15.28
CA PRO D 196 -10.33 25.63 -16.07
C PRO D 196 -10.39 26.40 -17.39
N VAL D 197 -10.91 25.76 -18.42
CA VAL D 197 -11.11 26.40 -19.71
C VAL D 197 -12.45 27.14 -19.74
N ASN D 198 -12.44 28.38 -20.25
CA ASN D 198 -13.65 29.19 -20.31
C ASN D 198 -14.10 29.46 -21.74
N SER D 199 -13.38 28.93 -22.72
CA SER D 199 -13.75 29.08 -24.12
C SER D 199 -13.12 28.01 -24.98
N GLU D 200 -13.82 27.62 -26.05
CA GLU D 200 -13.29 26.63 -27.00
C GLU D 200 -12.01 27.12 -27.64
N GLU D 201 -11.96 28.42 -27.94
CA GLU D 201 -10.82 29.04 -28.60
C GLU D 201 -9.56 28.94 -27.73
N GLU D 202 -9.75 28.99 -26.41
CA GLU D 202 -8.62 28.86 -25.49
C GLU D 202 -8.19 27.41 -25.36
N PHE D 203 -9.14 26.49 -25.51
CA PHE D 203 -8.84 25.06 -25.42
C PHE D 203 -7.88 24.64 -26.53
N GLN D 204 -8.14 25.12 -27.73
CA GLN D 204 -7.29 24.80 -28.88
C GLN D 204 -5.92 25.43 -28.75
N THR D 205 -5.87 26.59 -28.07
CA THR D 205 -4.63 27.29 -27.84
C THR D 205 -3.69 26.48 -26.94
N LEU D 206 -4.22 26.02 -25.81
CA LEU D 206 -3.45 25.21 -24.89
C LEU D 206 -3.23 23.80 -25.42
N SER D 207 -4.11 23.37 -26.32
CA SER D 207 -3.97 22.06 -26.96
C SER D 207 -2.76 22.04 -27.89
N ALA D 208 -2.62 23.11 -28.67
CA ALA D 208 -1.47 23.25 -29.57
C ALA D 208 -0.18 23.34 -28.77
N ALA D 209 -0.26 23.93 -27.59
CA ALA D 209 0.88 24.02 -26.68
C ALA D 209 1.26 22.62 -26.20
N TRP D 210 0.25 21.86 -25.77
CA TRP D 210 0.46 20.48 -25.35
C TRP D 210 0.96 19.61 -26.50
N HIS D 211 0.49 19.90 -27.70
CA HIS D 211 0.87 19.13 -28.87
C HIS D 211 2.36 19.20 -29.14
N SER D 212 2.89 20.43 -29.16
CA SER D 212 4.32 20.65 -29.41
C SER D 212 5.18 19.98 -28.35
N ILE D 213 4.69 19.95 -27.12
CA ILE D 213 5.40 19.29 -26.03
C ILE D 213 5.40 17.78 -26.21
N LEU D 214 4.22 17.21 -26.41
CA LEU D 214 4.09 15.77 -26.59
C LEU D 214 4.75 15.30 -27.88
N ASP D 215 4.86 16.19 -28.85
CA ASP D 215 5.50 15.87 -30.13
C ASP D 215 6.99 15.64 -29.93
N GLY D 216 7.61 16.50 -29.12
CA GLY D 216 9.03 16.40 -28.85
C GLY D 216 9.37 15.21 -27.99
N LYS D 217 8.48 14.90 -27.04
CA LYS D 217 8.65 13.74 -26.17
C LYS D 217 8.48 12.44 -26.97
N LEU D 218 7.66 12.51 -28.02
CA LEU D 218 7.48 11.38 -28.92
C LEU D 218 8.69 11.19 -29.82
N GLY D 219 9.33 12.30 -30.17
CA GLY D 219 10.53 12.26 -30.98
C GLY D 219 11.70 11.69 -30.21
N ALA D 220 11.85 12.12 -28.96
CA ALA D 220 12.90 11.61 -28.09
C ALA D 220 12.70 10.12 -27.81
N LEU D 221 11.44 9.72 -27.68
CA LEU D 221 11.10 8.32 -27.43
C LEU D 221 11.48 7.44 -28.62
N ASP D 222 11.25 7.96 -29.83
CA ASP D 222 11.59 7.25 -31.05
C ASP D 222 13.09 7.03 -31.20
N GLU D 223 13.86 8.08 -30.91
CA GLU D 223 15.31 8.02 -31.06
C GLU D 223 15.93 6.97 -30.16
N GLU D 224 15.50 6.94 -28.91
CA GLU D 224 16.02 5.98 -27.94
C GLU D 224 15.62 4.55 -28.30
N PHE D 225 14.47 4.40 -28.96
CA PHE D 225 14.01 3.09 -29.40
C PHE D 225 14.92 2.54 -30.50
N ASP D 226 15.49 3.44 -31.30
CA ASP D 226 16.36 3.04 -32.40
C ASP D 226 17.70 2.51 -31.90
N VAL D 227 18.27 3.16 -30.90
CA VAL D 227 19.57 2.74 -30.36
C VAL D 227 19.41 1.48 -29.51
N VAL D 228 18.20 1.25 -29.04
CA VAL D 228 17.88 0.06 -28.26
C VAL D 228 17.65 -1.13 -29.19
N ALA D 229 17.01 -0.87 -30.32
CA ALA D 229 16.73 -1.90 -31.31
C ALA D 229 17.98 -2.30 -32.09
N THR D 230 18.97 -1.40 -32.10
CA THR D 230 20.22 -1.65 -32.82
C THR D 230 21.05 -2.73 -32.12
N LYS D 231 20.84 -2.87 -30.81
CA LYS D 231 21.55 -3.86 -30.02
C LYS D 231 21.09 -5.27 -30.35
N TRP D 232 19.88 -5.38 -30.88
CA TRP D 232 19.27 -6.67 -31.17
C TRP D 232 19.65 -7.19 -32.55
N HIS D 233 19.14 -6.52 -33.58
CA HIS D 233 19.35 -6.87 -34.99
C HIS D 233 19.32 -8.38 -35.24
N PRO E 21 8.75 20.41 -15.61
CA PRO E 21 7.79 21.47 -15.30
C PRO E 21 8.19 22.82 -15.88
N VAL E 22 7.26 23.65 -16.38
CA VAL E 22 5.80 23.43 -16.43
C VAL E 22 5.28 24.55 -17.35
N LEU E 23 4.25 24.41 -18.19
CA LEU E 23 3.37 23.30 -18.62
C LEU E 23 1.98 23.92 -18.77
N PRO E 24 1.43 23.91 -20.00
CA PRO E 24 0.20 24.66 -20.30
C PRO E 24 -1.03 24.22 -19.50
N GLY E 25 -1.76 25.20 -18.98
CA GLY E 25 -3.02 24.94 -18.28
C GLY E 25 -2.83 24.38 -16.89
N VAL E 26 -1.59 24.40 -16.42
CA VAL E 26 -1.26 23.87 -15.11
C VAL E 26 -0.74 24.97 -14.18
N LYS E 27 -1.40 25.13 -13.04
CA LYS E 27 -1.17 26.28 -12.16
C LYS E 27 0.12 26.18 -11.34
N ARG E 28 0.75 25.01 -11.35
CA ARG E 28 1.98 24.76 -10.59
C ARG E 28 1.76 24.95 -9.09
N PRO F 21 -9.22 -15.25 37.73
CA PRO F 21 -8.21 -15.19 36.67
C PRO F 21 -6.96 -16.00 36.99
N VAL F 22 -6.82 -17.17 36.38
CA VAL F 22 -5.68 -18.04 36.65
C VAL F 22 -4.72 -18.09 35.48
N LEU F 23 -3.71 -17.22 35.50
CA LEU F 23 -2.72 -17.18 34.43
C LEU F 23 -1.58 -18.15 34.73
N PRO F 24 -1.16 -18.91 33.72
CA PRO F 24 -0.10 -19.93 33.88
C PRO F 24 1.27 -19.33 34.11
N GLY F 25 2.07 -19.97 34.97
CA GLY F 25 3.41 -19.51 35.27
C GLY F 25 3.41 -18.18 36.00
N VAL F 26 2.28 -17.84 36.60
CA VAL F 26 2.12 -16.56 37.28
C VAL F 26 1.54 -16.76 38.67
N LYS F 27 2.26 -16.28 39.68
CA LYS F 27 1.82 -16.40 41.08
C LYS F 27 0.80 -15.31 41.40
N ARG F 28 -0.45 -15.72 41.57
CA ARG F 28 -1.51 -14.77 41.89
C ARG F 28 -1.48 -14.38 43.37
N PRO G 21 26.88 12.69 1.13
CA PRO G 21 27.68 12.72 2.36
C PRO G 21 28.21 11.34 2.73
N VAL G 22 29.26 11.29 3.54
CA VAL G 22 29.84 10.02 3.96
C VAL G 22 29.24 9.56 5.29
N LEU G 23 29.01 8.26 5.41
CA LEU G 23 28.52 7.68 6.65
C LEU G 23 29.29 6.41 7.00
N PRO G 24 29.83 6.35 8.23
CA PRO G 24 30.65 5.24 8.69
C PRO G 24 29.95 3.88 8.56
N GLY G 25 30.56 2.97 7.80
CA GLY G 25 30.04 1.63 7.62
C GLY G 25 29.09 1.53 6.44
N VAL G 26 29.01 2.61 5.67
CA VAL G 26 28.08 2.67 4.55
C VAL G 26 28.81 3.04 3.27
N LYS G 27 28.36 2.47 2.16
CA LYS G 27 28.97 2.76 0.85
C LYS G 27 27.98 3.42 -0.09
N ARG G 28 28.50 4.00 -1.17
CA ARG G 28 27.71 4.74 -2.14
C ARG G 28 26.83 5.81 -1.50
N VAL H 22 -32.99 -15.43 -24.70
CA VAL H 22 -32.47 -15.82 -23.40
C VAL H 22 -31.68 -14.70 -22.74
N LEU H 23 -30.68 -14.19 -23.45
CA LEU H 23 -29.89 -13.07 -22.96
C LEU H 23 -30.64 -11.78 -23.25
N PRO H 24 -30.66 -10.86 -22.27
CA PRO H 24 -31.43 -9.61 -22.35
C PRO H 24 -31.02 -8.72 -23.51
N GLY H 25 -31.98 -8.42 -24.39
CA GLY H 25 -31.73 -7.56 -25.53
C GLY H 25 -30.73 -8.16 -26.51
N VAL H 26 -30.79 -9.49 -26.66
CA VAL H 26 -29.84 -10.21 -27.50
C VAL H 26 -30.54 -11.21 -28.42
N LYS H 27 -30.24 -11.14 -29.70
CA LYS H 27 -30.73 -12.13 -30.66
C LYS H 27 -29.63 -13.07 -31.09
C1 GOL I . -9.99 20.05 5.87
O1 GOL I . -9.58 21.37 6.11
C2 GOL I . -10.98 19.63 6.95
O2 GOL I . -12.03 18.89 6.35
C3 GOL I . -10.28 18.77 8.00
O3 GOL I . -11.23 18.32 8.93
C1 GOL J . 13.72 -6.18 36.21
O1 GOL J . 12.90 -7.07 35.48
C2 GOL J . 14.40 -5.21 35.25
O2 GOL J . 13.54 -4.94 34.16
C3 GOL J . 14.70 -3.90 35.97
O3 GOL J . 13.47 -3.31 36.36
S SO4 K . -18.97 7.76 -28.49
O1 SO4 K . -20.25 7.69 -29.20
O2 SO4 K . -18.44 6.43 -28.27
O3 SO4 K . -18.01 8.54 -29.27
O4 SO4 K . -19.19 8.42 -27.21
S SO4 L . -17.20 -17.69 -27.85
O1 SO4 L . -16.60 -17.46 -29.16
O2 SO4 L . -17.15 -19.11 -27.53
O3 SO4 L . -16.44 -16.95 -26.84
O4 SO4 L . -18.59 -17.23 -27.85
C1 IPA M . 8.42 -24.61 -4.96
C2 IPA M . 7.50 -25.80 -5.19
C3 IPA M . 6.35 -25.38 -6.11
O2 IPA M . 8.23 -26.85 -5.80
S SO4 N . 16.16 10.25 2.00
O1 SO4 N . 14.80 9.78 2.28
O2 SO4 N . 17.09 9.50 2.85
O3 SO4 N . 16.49 10.01 0.60
O4 SO4 N . 16.27 11.67 2.29
S SO4 O . 40.02 -13.27 26.15
O1 SO4 O . 39.46 -14.61 26.04
O2 SO4 O . 41.25 -13.32 26.95
O3 SO4 O . 40.32 -12.75 24.82
O4 SO4 O . 39.06 -12.39 26.81
C1 GOL P . -13.24 21.08 20.60
O1 GOL P . -12.63 20.89 19.33
C2 GOL P . -12.58 20.13 21.60
O2 GOL P . -11.22 19.99 21.31
C3 GOL P . -12.77 20.67 23.02
O3 GOL P . -13.96 20.17 23.58
C1 GOL Q . -3.47 5.93 30.48
O1 GOL Q . -3.41 5.17 29.29
C2 GOL Q . -3.68 7.40 30.14
O2 GOL Q . -4.60 7.98 31.04
C3 GOL Q . -2.35 8.15 30.21
O3 GOL Q . -2.52 9.47 29.77
C1 GOL R . 15.84 -8.69 5.36
O1 GOL R . 14.59 -8.21 4.94
C2 GOL R . 16.13 -8.21 6.78
O2 GOL R . 16.27 -9.31 7.64
C3 GOL R . 17.41 -7.38 6.80
O3 GOL R . 18.52 -8.26 6.79
C1 IPA S . 12.21 -22.70 -22.48
C2 IPA S . 10.92 -22.54 -21.66
C3 IPA S . 10.63 -21.06 -21.48
O2 IPA S . 9.86 -23.17 -22.33
C1 GOL T . 26.53 -9.79 -24.83
O1 GOL T . 26.22 -11.18 -24.92
C2 GOL T . 27.04 -9.48 -23.42
O2 GOL T . 28.13 -8.60 -23.50
C3 GOL T . 25.91 -8.81 -22.63
O3 GOL T . 26.18 -8.95 -21.25
#